data_7VY5
#
_entry.id   7VY5
#
loop_
_entity.id
_entity.type
_entity.pdbx_description
1 polymer 'Capsid protein VP1'
2 polymer 'Capsid protein VP2'
3 polymer 'Capsid protein VP3'
4 polymer 'Genome polyprotein'
5 polymer 'Complement decay-accelerating factor'
6 non-polymer 'PALMITIC ACID'
#
loop_
_entity_poly.entity_id
_entity_poly.type
_entity_poly.pdbx_seq_one_letter_code
_entity_poly.pdbx_strand_id
1 'polypeptide(L)'
;RVADTVGTGPTNSEAIPALTAAETGHTSQVVPGDTMQTRHVKNYHSRSESTIENFLCRSACVYFTEYENSGAKRYAEWVL
TPRQAAQLRRKLEFFTYVRFDLELTFVITSTQQPSTTQNQDAQILTHQIMYVPPGGPVPDKVDSYVWQTSTNPSVFWTEG
NAPPRMSIPFLSIGNAYSNFYDGWSEFSRNGVYGINTLNNMGTLYARHVNAGSTGPIKSTIRIYFKPKHVKAWIPRPPRL
CQYEKAKNVNFQPSGVTTTRQSITTMTN
;
A
2 'polypeptide(L)'
;GYSDRARSITLGNSTITTQECANVVVGYGVWPDYLKDSEATAEDQPTQPDVATCRFYTLDSVQWQKTSPGWWWKLPDALS
NLGLFGQNMQYHYLGRTGYTVHVQCNASKFHQGCLLVVCVPEAEMGCATLDNTPSSAELLGGDSAKEFADKPVASGSNKL
VQRVVYNAGMGVGVGNLTIFPHQWINLRTNNSATIVMPYTNSVPMDNMFRHNNVTLMVIPFVPLDYCPGSTTYVPITVTI
APMCAEYNGLRLAGHQ
;
B
3 'polypeptide(L)'
;GLPTMNTPGSCQFLTSDDFQSPSAMPQYDVTPEMRIPGEVKNLMEIAEVDSVVPVQNVGEKVNSMEAYQIPVRSNEGSGT
QVFGFPLQPGYSSVFSRTLLGEILNYYTHWSGSIKLTFMFCGSAMATGKFLLAYSPPGAGAPTKRVDAMLGTHVVWDVGL
QSSCVLCIPWISQTHYRYVTSDEYTAGGFITCWYQTNIVVPADAQSSCYIMCFVSACNDFSVRLLKDTPFISQQNFFQ
;
C
4 'polypeptide(L)' GAQVSTQKTGAHETGLNASGNSIIHYTNINYYKDAASNSANRQDFTQDPGKFTEPVKDIMIKSLPALN D
5 'polypeptide(L)'
;CEVPTRLNSASLKQPYITQNYFPVGTVVEYECRPGYRREPSLSPKLTCLQNLKWSTAVEFCKKKSCPNPGEIRNGQIDVP
GGILFGATISFSCNTGYKLFGSTSSFCLISGSSVQWSDPLPEC
;
E
#
loop_
_chem_comp.id
_chem_comp.type
_chem_comp.name
_chem_comp.formula
PLM non-polymer 'PALMITIC ACID' 'C16 H32 O2'
#
# COMPACT_ATOMS: atom_id res chain seq x y z
N ARG A 1 -21.30 11.29 7.29
CA ARG A 1 -22.20 11.41 6.11
C ARG A 1 -21.47 12.13 4.97
N VAL A 2 -21.54 11.59 3.75
CA VAL A 2 -20.81 12.18 2.59
C VAL A 2 -21.48 13.49 2.17
N ALA A 3 -20.72 14.41 1.59
CA ALA A 3 -21.27 15.72 1.18
C ALA A 3 -22.32 15.57 0.09
N ASP A 4 -23.42 16.32 0.18
CA ASP A 4 -24.50 16.28 -0.85
C ASP A 4 -24.06 17.07 -2.09
N THR A 5 -24.54 16.68 -3.27
CA THR A 5 -24.21 17.41 -4.53
C THR A 5 -24.96 18.74 -4.59
N VAL A 6 -24.37 19.76 -5.23
CA VAL A 6 -25.02 21.08 -5.37
C VAL A 6 -25.41 21.27 -6.84
N GLY A 7 -26.65 21.66 -7.10
CA GLY A 7 -27.13 21.86 -8.49
C GLY A 7 -26.39 23.00 -9.16
N THR A 8 -26.06 22.84 -10.44
CA THR A 8 -25.28 23.89 -11.16
C THR A 8 -25.91 24.11 -12.55
N GLY A 9 -25.60 25.23 -13.19
CA GLY A 9 -26.08 25.51 -14.52
C GLY A 9 -24.93 25.80 -15.46
N PRO A 10 -25.24 26.42 -16.60
CA PRO A 10 -24.19 26.71 -17.58
C PRO A 10 -23.32 27.87 -17.14
N THR A 11 -22.17 27.99 -17.81
CA THR A 11 -21.12 28.90 -17.39
C THR A 11 -20.34 29.38 -18.60
N ASN A 12 -19.99 30.67 -18.61
CA ASN A 12 -19.15 31.26 -19.65
C ASN A 12 -18.16 32.24 -19.03
N SER A 13 -17.53 31.84 -17.94
CA SER A 13 -16.74 32.75 -17.13
C SER A 13 -15.24 32.48 -17.31
N GLU A 14 -14.45 33.23 -16.57
CA GLU A 14 -13.00 33.09 -16.56
C GLU A 14 -12.50 32.15 -15.48
N ALA A 15 -13.36 31.74 -14.55
CA ALA A 15 -12.99 30.75 -13.56
C ALA A 15 -12.63 29.43 -14.24
N ILE A 16 -11.51 28.84 -13.85
CA ILE A 16 -11.01 27.63 -14.50
C ILE A 16 -10.81 26.54 -13.47
N PRO A 17 -11.88 25.95 -12.93
CA PRO A 17 -11.70 24.91 -11.91
C PRO A 17 -10.98 23.68 -12.42
N ALA A 18 -11.08 23.38 -13.71
CA ALA A 18 -10.50 22.14 -14.23
C ALA A 18 -8.97 22.25 -14.34
N LEU A 19 -8.47 23.32 -14.92
CA LEU A 19 -7.03 23.45 -15.13
C LEU A 19 -6.33 23.71 -13.81
N THR A 20 -5.32 22.90 -13.51
CA THR A 20 -4.58 23.01 -12.27
C THR A 20 -3.12 22.70 -12.55
N ALA A 21 -2.31 22.57 -11.49
CA ALA A 21 -0.89 22.20 -11.64
C ALA A 21 -0.55 21.08 -10.65
N ALA A 22 -0.34 19.85 -11.15
CA ALA A 22 -0.06 18.68 -10.27
C ALA A 22 1.35 18.78 -9.67
N GLU A 23 2.22 19.62 -10.24
CA GLU A 23 3.62 19.74 -9.76
C GLU A 23 3.63 20.18 -8.29
N THR A 24 2.70 21.05 -7.90
CA THR A 24 2.64 21.59 -6.51
C THR A 24 2.45 20.45 -5.51
N GLY A 25 2.23 19.22 -5.98
CA GLY A 25 1.95 18.08 -5.08
C GLY A 25 0.68 18.32 -4.27
N HIS A 26 -0.31 18.98 -4.87
CA HIS A 26 -1.60 19.27 -4.19
C HIS A 26 -2.74 18.57 -4.93
N THR A 27 -3.56 17.80 -4.22
CA THR A 27 -4.72 17.12 -4.86
C THR A 27 -5.81 18.17 -5.13
N SER A 28 -6.41 18.15 -6.33
CA SER A 28 -7.49 19.10 -6.69
C SER A 28 -8.73 18.83 -5.83
N GLN A 29 -9.45 19.88 -5.43
CA GLN A 29 -10.69 19.70 -4.62
C GLN A 29 -11.90 19.97 -5.52
N VAL A 30 -11.90 19.42 -6.74
CA VAL A 30 -12.99 19.69 -7.73
C VAL A 30 -14.17 18.75 -7.50
N VAL A 31 -15.40 19.23 -7.72
CA VAL A 31 -16.60 18.41 -7.59
C VAL A 31 -17.12 18.19 -9.00
N PRO A 32 -18.10 17.30 -9.22
CA PRO A 32 -18.61 17.13 -10.58
C PRO A 32 -19.31 18.36 -11.13
N GLY A 33 -19.81 19.25 -10.27
CA GLY A 33 -20.52 20.42 -10.74
C GLY A 33 -19.66 21.44 -11.44
N ASP A 34 -18.34 21.37 -11.28
CA ASP A 34 -17.46 22.33 -11.93
C ASP A 34 -17.36 22.08 -13.43
N THR A 35 -17.48 20.84 -13.87
CA THR A 35 -17.24 20.48 -15.25
C THR A 35 -18.49 20.08 -16.01
N MET A 36 -19.66 20.14 -15.39
CA MET A 36 -20.90 19.79 -16.06
C MET A 36 -22.06 20.40 -15.29
N GLN A 37 -23.25 20.27 -15.86
CA GLN A 37 -24.48 20.68 -15.18
C GLN A 37 -25.00 19.51 -14.36
N THR A 38 -25.35 19.79 -13.12
CA THR A 38 -25.79 18.76 -12.18
C THR A 38 -27.13 19.15 -11.58
N ARG A 39 -27.72 18.20 -10.85
CA ARG A 39 -28.99 18.47 -10.12
C ARG A 39 -28.65 18.46 -8.62
N HIS A 40 -29.60 18.84 -7.77
CA HIS A 40 -29.33 18.75 -6.31
C HIS A 40 -29.68 17.35 -5.83
N VAL A 41 -28.72 16.66 -5.21
CA VAL A 41 -28.96 15.30 -4.68
C VAL A 41 -28.64 15.36 -3.18
N LYS A 42 -29.51 14.82 -2.33
CA LYS A 42 -29.19 14.76 -0.88
C LYS A 42 -28.63 13.35 -0.61
N ASN A 43 -27.38 13.27 -0.15
CA ASN A 43 -26.72 11.95 0.07
C ASN A 43 -26.84 11.58 1.55
N TYR A 44 -27.39 10.39 1.84
CA TYR A 44 -27.47 9.90 3.24
C TYR A 44 -26.39 8.86 3.47
N HIS A 45 -25.53 8.63 2.47
CA HIS A 45 -24.46 7.61 2.58
C HIS A 45 -23.50 8.03 3.68
N SER A 46 -23.01 7.07 4.47
CA SER A 46 -22.12 7.40 5.61
C SER A 46 -20.78 6.67 5.47
N ARG A 47 -19.69 7.27 5.96
CA ARG A 47 -18.35 6.65 5.92
C ARG A 47 -18.09 6.04 7.29
N SER A 48 -18.96 5.13 7.73
CA SER A 48 -18.87 4.54 9.06
C SER A 48 -18.11 3.22 9.08
N GLU A 49 -18.06 2.56 7.92
CA GLU A 49 -17.32 1.27 7.79
C GLU A 49 -15.94 1.57 7.20
N SER A 50 -15.45 2.80 7.36
CA SER A 50 -14.15 3.19 6.77
C SER A 50 -13.23 3.72 7.88
N THR A 51 -13.75 3.79 9.11
CA THR A 51 -12.91 4.25 10.25
C THR A 51 -11.79 3.24 10.45
N ILE A 52 -10.59 3.70 10.81
CA ILE A 52 -9.44 2.78 10.93
C ILE A 52 -9.74 1.73 12.01
N GLU A 53 -10.38 2.15 13.12
CA GLU A 53 -10.65 1.20 14.23
C GLU A 53 -11.52 0.07 13.68
N ASN A 54 -12.62 0.41 13.01
CA ASN A 54 -13.57 -0.62 12.49
C ASN A 54 -12.83 -1.54 11.50
N PHE A 55 -11.98 -0.95 10.65
CA PHE A 55 -11.25 -1.73 9.62
C PHE A 55 -10.32 -2.75 10.30
N LEU A 56 -9.63 -2.35 11.37
CA LEU A 56 -8.63 -3.26 12.01
C LEU A 56 -9.26 -4.08 13.14
N CYS A 57 -10.47 -3.73 13.59
CA CYS A 57 -11.05 -4.44 14.77
C CYS A 57 -11.79 -5.72 14.34
N ARG A 58 -11.05 -6.75 13.95
CA ARG A 58 -11.67 -8.06 13.58
C ARG A 58 -10.66 -9.16 13.90
N SER A 59 -11.10 -10.24 14.55
CA SER A 59 -10.16 -11.28 14.95
C SER A 59 -9.53 -11.95 13.74
N ALA A 60 -8.25 -12.27 13.85
CA ALA A 60 -7.50 -12.90 12.77
C ALA A 60 -6.50 -13.88 13.37
N CYS A 61 -6.39 -15.05 12.74
CA CYS A 61 -5.46 -16.07 13.23
C CYS A 61 -4.04 -15.66 12.88
N VAL A 62 -3.19 -15.52 13.90
CA VAL A 62 -1.82 -15.11 13.67
C VAL A 62 -0.84 -16.26 13.73
N TYR A 63 -1.21 -17.40 14.32
CA TYR A 63 -0.33 -18.54 14.45
C TYR A 63 -1.13 -19.70 15.02
N PHE A 64 -0.60 -20.92 14.80
CA PHE A 64 -1.17 -22.15 15.38
C PHE A 64 -0.02 -23.15 15.56
N THR A 65 0.03 -23.88 16.69
CA THR A 65 1.12 -24.84 16.97
C THR A 65 0.54 -26.09 17.63
N GLU A 66 1.29 -27.21 17.64
CA GLU A 66 0.72 -28.49 18.17
C GLU A 66 1.60 -29.11 19.26
N TYR A 67 0.99 -29.75 20.27
CA TYR A 67 1.73 -30.43 21.35
C TYR A 67 1.07 -31.80 21.62
N GLU A 68 1.75 -32.70 22.33
CA GLU A 68 1.25 -34.05 22.55
C GLU A 68 1.21 -34.37 24.04
N ASN A 69 0.58 -35.50 24.37
CA ASN A 69 0.52 -36.00 25.74
C ASN A 69 1.45 -37.19 25.95
N SER A 70 2.45 -37.35 25.11
CA SER A 70 3.41 -38.44 25.19
C SER A 70 4.56 -38.14 24.25
N GLY A 71 5.70 -38.74 24.52
CA GLY A 71 6.85 -38.58 23.65
C GLY A 71 7.72 -37.40 24.01
N ALA A 72 8.42 -36.86 23.02
CA ALA A 72 9.38 -35.77 23.25
C ALA A 72 8.73 -34.40 23.26
N LYS A 73 7.78 -34.19 22.32
CA LYS A 73 7.08 -32.88 22.20
C LYS A 73 5.90 -32.88 23.18
N ARG A 74 6.14 -32.44 24.42
CA ARG A 74 5.08 -32.39 25.41
C ARG A 74 4.52 -30.99 25.63
N TYR A 75 5.18 -29.96 25.11
CA TYR A 75 4.69 -28.59 25.27
C TYR A 75 5.11 -27.78 24.06
N ALA A 76 4.41 -26.65 23.87
CA ALA A 76 4.61 -25.78 22.72
C ALA A 76 5.03 -24.40 23.17
N GLU A 77 5.87 -23.75 22.34
CA GLU A 77 6.42 -22.41 22.68
C GLU A 77 6.40 -21.51 21.44
N TRP A 78 5.90 -20.28 21.57
CA TRP A 78 5.90 -19.33 20.44
C TRP A 78 6.37 -17.95 20.91
N VAL A 79 7.34 -17.33 20.21
CA VAL A 79 7.73 -15.93 20.55
C VAL A 79 6.66 -15.05 19.89
N LEU A 80 5.99 -14.20 20.65
CA LEU A 80 4.83 -13.45 20.07
C LEU A 80 5.24 -12.48 18.96
N THR A 81 4.57 -12.55 17.81
CA THR A 81 4.81 -11.60 16.68
C THR A 81 3.54 -11.53 15.84
N PRO A 82 3.18 -10.37 15.23
CA PRO A 82 2.03 -10.32 14.33
C PRO A 82 2.45 -10.44 12.86
N ARG A 83 3.69 -10.86 12.59
CA ARG A 83 4.20 -10.91 11.19
C ARG A 83 4.28 -12.33 10.63
N GLN A 84 3.90 -13.36 11.40
CA GLN A 84 3.89 -14.77 10.92
C GLN A 84 2.87 -14.96 9.80
N ALA A 85 1.70 -14.33 9.87
CA ALA A 85 0.62 -14.52 8.87
C ALA A 85 0.65 -13.38 7.85
N ALA A 86 -0.13 -13.48 6.76
CA ALA A 86 -0.07 -12.45 5.73
C ALA A 86 -1.15 -11.40 5.91
N GLN A 87 -2.35 -11.83 6.30
CA GLN A 87 -3.52 -10.97 6.17
C GLN A 87 -3.47 -9.79 7.14
N LEU A 88 -3.38 -10.07 8.44
CA LEU A 88 -3.33 -8.99 9.41
C LEU A 88 -2.04 -8.19 9.28
N ARG A 89 -0.95 -8.83 8.86
CA ARG A 89 0.29 -8.09 8.65
C ARG A 89 0.11 -7.03 7.58
N ARG A 90 -0.48 -7.40 6.44
CA ARG A 90 -0.69 -6.43 5.39
C ARG A 90 -1.70 -5.37 5.80
N LYS A 91 -2.73 -5.76 6.57
CA LYS A 91 -3.68 -4.78 7.05
C LYS A 91 -3.03 -3.78 8.00
N LEU A 92 -2.05 -4.23 8.79
CA LEU A 92 -1.43 -3.38 9.78
C LEU A 92 -0.34 -2.49 9.19
N GLU A 93 0.29 -2.93 8.10
CA GLU A 93 1.36 -2.15 7.48
C GLU A 93 0.84 -1.13 6.46
N PHE A 94 -0.42 -0.72 6.60
CA PHE A 94 -0.88 0.48 5.92
C PHE A 94 -0.38 1.73 6.60
N PHE A 95 0.10 1.61 7.84
CA PHE A 95 0.52 2.73 8.65
C PHE A 95 1.92 2.48 9.18
N THR A 96 2.62 3.54 9.58
CA THR A 96 4.00 3.39 10.12
C THR A 96 3.92 3.10 11.62
N TYR A 97 3.20 3.94 12.36
CA TYR A 97 3.10 3.77 13.80
C TYR A 97 1.64 3.55 14.17
N VAL A 98 1.39 2.56 15.01
CA VAL A 98 0.04 2.26 15.50
C VAL A 98 0.10 2.12 17.01
N ARG A 99 -1.06 2.18 17.63
CA ARG A 99 -1.16 2.11 19.09
C ARG A 99 -2.54 1.55 19.42
N PHE A 100 -2.60 0.36 20.02
CA PHE A 100 -3.87 -0.27 20.29
C PHE A 100 -3.76 -1.17 21.51
N ASP A 101 -4.90 -1.36 22.19
CA ASP A 101 -5.09 -2.47 23.10
C ASP A 101 -5.35 -3.74 22.30
N LEU A 102 -5.25 -4.89 22.96
CA LEU A 102 -5.38 -6.16 22.29
C LEU A 102 -6.42 -7.03 22.98
N GLU A 103 -7.12 -7.83 22.20
CA GLU A 103 -8.01 -8.87 22.71
C GLU A 103 -7.52 -10.21 22.17
N LEU A 104 -7.18 -11.12 23.07
CA LEU A 104 -6.53 -12.37 22.73
C LEU A 104 -7.51 -13.52 22.92
N THR A 105 -7.66 -14.35 21.89
CA THR A 105 -8.49 -15.54 21.99
C THR A 105 -7.69 -16.76 21.55
N PHE A 106 -7.99 -17.89 22.16
CA PHE A 106 -7.34 -19.15 21.86
C PHE A 106 -8.39 -20.18 21.47
N VAL A 107 -8.09 -20.97 20.44
CA VAL A 107 -8.95 -22.08 20.01
C VAL A 107 -8.11 -23.34 20.08
N ILE A 108 -8.40 -24.19 21.07
CA ILE A 108 -7.60 -25.43 21.29
C ILE A 108 -8.47 -26.64 20.91
N THR A 109 -7.94 -27.53 20.06
CA THR A 109 -8.68 -28.73 19.61
C THR A 109 -7.76 -29.95 19.66
N SER A 110 -8.19 -31.01 20.37
CA SER A 110 -7.40 -32.26 20.49
C SER A 110 -7.77 -33.22 19.35
N THR A 111 -6.94 -34.24 19.12
CA THR A 111 -7.20 -35.24 18.05
C THR A 111 -6.49 -36.55 18.37
N GLN A 112 -7.22 -37.66 18.46
CA GLN A 112 -6.61 -38.96 18.87
C GLN A 112 -5.63 -39.43 17.79
N GLN A 113 -4.32 -39.42 18.11
CA GLN A 113 -3.31 -39.94 17.16
C GLN A 113 -3.42 -41.46 17.07
N PRO A 114 -3.23 -42.09 15.89
CA PRO A 114 -3.38 -43.54 15.74
C PRO A 114 -2.34 -44.31 16.57
N SER A 115 -2.78 -45.38 17.23
CA SER A 115 -1.85 -46.20 18.07
C SER A 115 -2.36 -47.63 18.17
N THR A 116 -1.49 -48.57 18.55
CA THR A 116 -1.89 -49.99 18.69
C THR A 116 -2.42 -50.25 20.10
N THR A 117 -2.37 -49.26 20.98
CA THR A 117 -2.81 -49.45 22.40
C THR A 117 -4.30 -49.78 22.41
N GLN A 118 -4.72 -50.70 23.29
CA GLN A 118 -6.13 -51.14 23.31
C GLN A 118 -6.82 -50.64 24.58
N ASN A 119 -8.09 -51.02 24.79
CA ASN A 119 -8.87 -50.59 25.98
C ASN A 119 -8.68 -49.09 26.25
N GLN A 120 -8.68 -48.26 25.22
CA GLN A 120 -8.53 -46.79 25.41
C GLN A 120 -9.81 -46.22 26.03
N ASP A 121 -9.65 -45.31 26.99
CA ASP A 121 -10.76 -44.64 27.70
C ASP A 121 -10.22 -43.31 28.23
N ALA A 122 -10.54 -42.20 27.55
CA ALA A 122 -9.95 -40.92 27.90
C ALA A 122 -10.81 -40.17 28.90
N GLN A 123 -10.17 -39.23 29.60
CA GLN A 123 -10.92 -38.35 30.55
C GLN A 123 -10.85 -36.93 29.96
N ILE A 124 -11.50 -35.95 30.60
CA ILE A 124 -11.54 -34.57 30.03
C ILE A 124 -10.13 -33.97 30.07
N LEU A 125 -9.62 -33.49 28.92
CA LEU A 125 -8.30 -32.88 28.88
C LEU A 125 -8.38 -31.45 29.38
N THR A 126 -7.37 -31.05 30.14
CA THR A 126 -7.22 -29.69 30.64
C THR A 126 -5.89 -29.14 30.17
N HIS A 127 -5.90 -27.93 29.64
CA HIS A 127 -4.72 -27.29 29.08
C HIS A 127 -4.34 -26.07 29.91
N GLN A 128 -3.05 -25.77 29.92
CA GLN A 128 -2.53 -24.55 30.54
C GLN A 128 -1.75 -23.77 29.50
N ILE A 129 -2.04 -22.46 29.43
CA ILE A 129 -1.30 -21.53 28.54
C ILE A 129 -0.63 -20.51 29.47
N MET A 130 0.66 -20.24 29.28
CA MET A 130 1.43 -19.34 30.18
C MET A 130 2.18 -18.30 29.35
N TYR A 131 2.30 -17.09 29.88
CA TYR A 131 2.99 -15.99 29.22
C TYR A 131 4.21 -15.59 30.03
N VAL A 132 5.39 -15.60 29.39
CA VAL A 132 6.65 -15.28 30.04
C VAL A 132 7.22 -14.01 29.41
N PRO A 133 7.27 -12.90 30.14
CA PRO A 133 7.87 -11.68 29.61
C PRO A 133 9.39 -11.83 29.51
N PRO A 134 10.06 -10.95 28.78
CA PRO A 134 11.51 -11.11 28.59
C PRO A 134 12.26 -11.08 29.92
N GLY A 135 13.11 -12.08 30.12
CA GLY A 135 13.84 -12.23 31.35
C GLY A 135 13.30 -13.26 32.32
N GLY A 136 12.23 -13.95 31.92
CA GLY A 136 11.61 -14.95 32.82
C GLY A 136 12.35 -16.26 32.75
N PRO A 137 12.16 -17.20 33.70
CA PRO A 137 12.80 -18.50 33.61
C PRO A 137 11.95 -19.34 32.63
N VAL A 138 12.47 -19.59 31.44
CA VAL A 138 11.69 -20.34 30.41
C VAL A 138 11.62 -21.81 30.84
N PRO A 139 10.47 -22.50 30.68
CA PRO A 139 10.39 -23.92 31.02
C PRO A 139 11.37 -24.74 30.16
N ASP A 140 12.11 -25.65 30.80
CA ASP A 140 13.05 -26.52 30.06
C ASP A 140 12.38 -27.89 29.90
N LYS A 141 11.27 -28.11 30.64
CA LYS A 141 10.56 -29.37 30.56
C LYS A 141 9.07 -29.14 30.87
N VAL A 142 8.29 -30.21 30.74
CA VAL A 142 6.85 -30.09 30.96
C VAL A 142 6.51 -30.12 32.43
N ASP A 143 7.19 -30.95 33.21
CA ASP A 143 7.00 -30.98 34.66
C ASP A 143 8.02 -30.10 35.36
N SER A 144 8.14 -28.86 34.92
CA SER A 144 9.10 -27.93 35.49
C SER A 144 8.47 -27.19 36.67
N TYR A 145 9.31 -26.43 37.36
CA TYR A 145 8.85 -25.66 38.51
C TYR A 145 8.26 -24.31 38.13
N VAL A 146 8.40 -23.91 36.87
CA VAL A 146 7.96 -22.57 36.49
C VAL A 146 6.49 -22.54 36.15
N TRP A 147 5.87 -23.69 35.93
CA TRP A 147 4.44 -23.71 35.67
C TRP A 147 3.61 -23.37 36.90
N GLN A 148 4.23 -23.01 38.02
CA GLN A 148 3.49 -22.52 39.17
C GLN A 148 2.89 -21.15 38.92
N THR A 149 3.47 -20.40 37.97
CA THR A 149 2.95 -19.06 37.58
C THR A 149 2.69 -18.19 38.81
N SER A 150 3.73 -17.94 39.61
CA SER A 150 3.58 -17.06 40.79
C SER A 150 3.19 -15.65 40.31
N THR A 151 3.92 -15.11 39.33
CA THR A 151 3.60 -13.74 38.83
C THR A 151 3.27 -13.76 37.33
N ASN A 152 3.77 -14.76 36.59
CA ASN A 152 3.47 -14.84 35.14
C ASN A 152 1.98 -15.12 34.97
N PRO A 153 1.24 -14.40 34.09
CA PRO A 153 -0.18 -14.66 33.89
C PRO A 153 -0.39 -16.03 33.22
N SER A 154 -1.41 -16.77 33.65
CA SER A 154 -1.69 -18.12 33.08
C SER A 154 -3.20 -18.36 33.03
N VAL A 155 -3.65 -19.24 32.13
CA VAL A 155 -5.10 -19.60 32.06
C VAL A 155 -5.24 -21.13 32.07
N PHE A 156 -6.26 -21.65 32.75
CA PHE A 156 -6.52 -23.11 32.74
C PHE A 156 -7.84 -23.35 32.02
N TRP A 157 -7.83 -24.20 30.98
CA TRP A 157 -9.04 -24.38 30.19
C TRP A 157 -9.34 -25.86 30.02
N THR A 158 -10.56 -26.25 30.39
CA THR A 158 -11.06 -27.65 30.28
C THR A 158 -11.80 -27.75 28.93
N GLU A 159 -11.57 -28.84 28.18
CA GLU A 159 -12.19 -28.97 26.87
C GLU A 159 -13.70 -29.10 26.97
N GLY A 160 -14.41 -28.40 26.08
CA GLY A 160 -15.88 -28.46 25.98
C GLY A 160 -16.58 -27.23 26.53
N ASN A 161 -16.01 -26.04 26.33
CA ASN A 161 -16.61 -24.78 26.82
C ASN A 161 -16.29 -23.65 25.84
N ALA A 162 -16.80 -22.45 26.12
CA ALA A 162 -16.48 -21.25 25.30
C ALA A 162 -14.95 -21.05 25.30
N PRO A 163 -14.32 -20.68 24.17
CA PRO A 163 -12.86 -20.52 24.12
C PRO A 163 -12.34 -19.43 25.09
N PRO A 164 -11.14 -19.59 25.68
CA PRO A 164 -10.58 -18.59 26.61
C PRO A 164 -10.27 -17.26 25.91
N ARG A 165 -10.31 -16.15 26.66
CA ARG A 165 -10.05 -14.81 26.07
C ARG A 165 -9.70 -13.81 27.17
N MET A 166 -8.63 -13.02 26.96
CA MET A 166 -8.24 -11.97 27.93
C MET A 166 -7.92 -10.67 27.19
N SER A 167 -7.79 -9.56 27.92
CA SER A 167 -7.53 -8.25 27.28
C SER A 167 -6.10 -7.81 27.59
N ILE A 168 -5.37 -7.31 26.58
CA ILE A 168 -3.95 -6.92 26.78
C ILE A 168 -3.84 -5.40 26.65
N PRO A 169 -3.09 -4.69 27.51
CA PRO A 169 -2.88 -3.25 27.38
C PRO A 169 -1.81 -2.94 26.32
N PHE A 170 -1.47 -1.67 26.13
CA PHE A 170 -0.51 -1.28 25.07
C PHE A 170 0.83 -2.00 25.30
N LEU A 171 1.31 -2.07 26.54
CA LEU A 171 2.52 -2.88 26.84
C LEU A 171 3.70 -2.52 25.92
N SER A 172 3.92 -1.23 25.64
CA SER A 172 5.10 -0.84 24.82
C SER A 172 5.92 0.24 25.52
N ILE A 173 7.25 0.08 25.55
CA ILE A 173 8.13 1.13 26.15
C ILE A 173 8.12 2.35 25.22
N GLY A 174 7.94 2.14 23.92
CA GLY A 174 7.84 3.26 22.96
C GLY A 174 6.46 3.90 22.98
N ASN A 175 6.35 5.15 22.55
CA ASN A 175 5.05 5.88 22.60
C ASN A 175 4.07 5.26 21.60
N ALA A 176 4.57 4.57 20.58
CA ALA A 176 3.68 3.86 19.62
C ALA A 176 4.40 2.60 19.12
N TYR A 177 3.64 1.58 18.71
CA TYR A 177 4.26 0.38 18.10
C TYR A 177 4.79 0.79 16.72
N SER A 178 5.94 0.26 16.32
CA SER A 178 6.50 0.58 14.98
C SER A 178 6.34 -0.64 14.07
N ASN A 179 5.81 -0.45 12.86
CA ASN A 179 5.68 -1.56 11.88
C ASN A 179 6.94 -1.57 11.01
N PHE A 180 7.69 -0.46 11.02
CA PHE A 180 8.91 -0.36 10.22
C PHE A 180 9.98 0.31 11.04
N TYR A 181 11.23 -0.15 10.87
CA TYR A 181 12.38 0.43 11.56
C TYR A 181 13.54 0.50 10.59
N ASP A 182 14.08 1.68 10.39
CA ASP A 182 15.20 1.91 9.48
C ASP A 182 16.44 2.15 10.33
N GLY A 183 17.13 1.08 10.70
CA GLY A 183 18.30 1.20 11.54
C GLY A 183 18.66 -0.11 12.19
N TRP A 184 19.80 -0.08 12.88
CA TRP A 184 20.39 -1.23 13.52
C TRP A 184 20.25 -1.13 15.04
N SER A 185 20.60 -2.22 15.72
CA SER A 185 20.49 -2.28 17.17
C SER A 185 21.74 -1.79 17.88
N GLU A 186 22.90 -1.89 17.24
CA GLU A 186 24.15 -1.39 17.77
C GLU A 186 24.49 -0.05 17.16
N PHE A 187 25.13 0.81 17.94
CA PHE A 187 25.52 2.12 17.47
C PHE A 187 26.61 2.07 16.42
N SER A 188 27.26 0.92 16.25
CA SER A 188 28.30 0.75 15.24
C SER A 188 27.74 0.35 13.89
N ARG A 189 26.42 0.43 13.71
CA ARG A 189 25.77 0.18 12.42
C ARG A 189 26.01 -1.24 11.93
N ASN A 190 25.91 -2.21 12.85
CA ASN A 190 25.94 -3.62 12.46
C ASN A 190 25.12 -4.42 13.45
N GLY A 191 24.77 -5.64 13.04
CA GLY A 191 23.92 -6.47 13.86
C GLY A 191 22.55 -6.70 13.25
N VAL A 192 21.51 -6.58 14.05
CA VAL A 192 20.15 -6.78 13.59
C VAL A 192 19.68 -5.51 12.90
N TYR A 193 19.35 -5.60 11.62
CA TYR A 193 18.79 -4.50 10.87
C TYR A 193 17.30 -4.71 10.67
N GLY A 194 16.50 -3.72 11.04
CA GLY A 194 15.11 -3.76 10.70
C GLY A 194 14.18 -3.80 11.89
N ILE A 195 12.94 -4.26 11.67
CA ILE A 195 11.92 -4.22 12.70
C ILE A 195 12.16 -5.27 13.79
N ASN A 196 13.06 -6.20 13.54
CA ASN A 196 13.38 -7.24 14.56
C ASN A 196 14.10 -6.58 15.75
N THR A 197 14.58 -5.34 15.59
CA THR A 197 15.24 -4.64 16.68
C THR A 197 14.29 -4.32 17.82
N LEU A 198 13.02 -4.10 17.51
CA LEU A 198 12.06 -3.61 18.49
C LEU A 198 11.10 -4.68 18.99
N ASN A 199 11.21 -5.91 18.50
CA ASN A 199 10.30 -6.98 18.88
C ASN A 199 10.86 -7.68 20.12
N ASN A 200 10.34 -7.31 21.29
CA ASN A 200 10.71 -7.94 22.56
C ASN A 200 9.46 -8.17 23.40
N MET A 201 8.43 -8.77 22.80
CA MET A 201 7.12 -8.86 23.45
C MET A 201 6.96 -10.10 24.33
N GLY A 202 7.94 -10.98 24.39
CA GLY A 202 7.88 -12.11 25.28
C GLY A 202 7.67 -13.43 24.57
N THR A 203 7.23 -14.43 25.34
CA THR A 203 7.07 -15.78 24.83
C THR A 203 5.83 -16.41 25.43
N LEU A 204 5.23 -17.35 24.70
CA LEU A 204 4.01 -18.05 25.10
C LEU A 204 4.26 -19.55 25.10
N TYR A 205 3.71 -20.21 26.13
CA TYR A 205 3.89 -21.67 26.28
C TYR A 205 2.53 -22.33 26.50
N ALA A 206 2.37 -23.58 26.06
CA ALA A 206 1.13 -24.32 26.21
C ALA A 206 1.42 -25.79 26.49
N ARG A 207 0.62 -26.39 27.37
CA ARG A 207 0.82 -27.80 27.72
C ARG A 207 -0.51 -28.41 28.16
N HIS A 208 -0.51 -29.75 28.23
CA HIS A 208 -1.57 -30.51 28.89
C HIS A 208 -1.27 -30.61 30.37
N VAL A 209 -2.25 -30.27 31.21
CA VAL A 209 -2.05 -30.42 32.64
C VAL A 209 -2.12 -31.89 33.05
N ASN A 210 -2.88 -32.70 32.32
CA ASN A 210 -2.93 -34.14 32.56
C ASN A 210 -2.71 -34.87 31.24
N ALA A 211 -2.47 -36.18 31.33
CA ALA A 211 -2.34 -36.99 30.13
C ALA A 211 -3.69 -37.46 29.59
N GLY A 212 -4.70 -37.55 30.44
CA GLY A 212 -6.04 -37.88 30.00
C GLY A 212 -6.27 -39.35 29.73
N SER A 213 -5.53 -39.92 28.79
CA SER A 213 -5.75 -41.27 28.33
C SER A 213 -4.44 -42.03 28.27
N THR A 214 -4.53 -43.33 27.95
CA THR A 214 -3.31 -44.16 27.78
C THR A 214 -2.96 -44.19 26.30
N GLY A 215 -3.69 -43.42 25.49
CA GLY A 215 -3.44 -43.36 24.03
C GLY A 215 -3.01 -41.97 23.62
N PRO A 216 -2.06 -41.80 22.68
CA PRO A 216 -1.54 -40.47 22.34
C PRO A 216 -2.59 -39.52 21.75
N ILE A 217 -2.63 -38.28 22.24
CA ILE A 217 -3.57 -37.26 21.70
C ILE A 217 -2.74 -36.03 21.34
N LYS A 218 -2.93 -35.47 20.14
CA LYS A 218 -2.20 -34.24 19.73
C LYS A 218 -3.15 -33.04 19.78
N SER A 219 -2.82 -32.04 20.59
CA SER A 219 -3.66 -30.82 20.71
C SER A 219 -3.07 -29.67 19.88
N THR A 220 -3.93 -28.93 19.18
CA THR A 220 -3.48 -27.77 18.36
C THR A 220 -4.08 -26.50 18.94
N ILE A 221 -3.27 -25.47 19.16
CA ILE A 221 -3.72 -24.20 19.68
C ILE A 221 -3.56 -23.14 18.61
N ARG A 222 -4.65 -22.39 18.36
CA ARG A 222 -4.67 -21.29 17.41
C ARG A 222 -4.88 -19.98 18.16
N ILE A 223 -4.14 -18.95 17.76
CA ILE A 223 -4.10 -17.68 18.48
C ILE A 223 -4.72 -16.60 17.61
N TYR A 224 -5.70 -15.87 18.17
CA TYR A 224 -6.46 -14.86 17.43
C TYR A 224 -6.26 -13.50 18.09
N PHE A 225 -5.84 -12.52 17.29
CA PHE A 225 -5.59 -11.16 17.71
C PHE A 225 -6.75 -10.26 17.32
N LYS A 226 -7.10 -9.33 18.20
CA LYS A 226 -8.08 -8.31 17.81
C LYS A 226 -7.67 -6.95 18.35
N PRO A 227 -7.31 -5.99 17.49
CA PRO A 227 -6.93 -4.66 17.98
C PRO A 227 -8.13 -3.83 18.38
N LYS A 228 -8.09 -3.26 19.58
CA LYS A 228 -9.20 -2.38 20.05
C LYS A 228 -8.62 -1.01 20.41
N HIS A 229 -9.41 0.06 20.28
CA HIS A 229 -8.92 1.44 20.55
C HIS A 229 -7.64 1.69 19.76
N VAL A 230 -7.75 1.77 18.42
CA VAL A 230 -6.53 1.91 17.57
C VAL A 230 -6.27 3.38 17.20
N LYS A 231 -5.01 3.81 17.27
CA LYS A 231 -4.62 5.20 16.85
C LYS A 231 -3.50 5.03 15.82
N ALA A 232 -3.67 5.55 14.60
CA ALA A 232 -2.67 5.29 13.54
C ALA A 232 -2.11 6.61 12.97
N TRP A 233 -0.84 6.60 12.54
CA TRP A 233 -0.19 7.82 12.01
C TRP A 233 0.66 7.48 10.77
N ILE A 234 0.93 8.46 9.90
CA ILE A 234 1.84 8.26 8.73
C ILE A 234 1.42 7.08 7.84
N PRO A 235 0.36 7.21 7.00
CA PRO A 235 -0.06 6.12 6.11
C PRO A 235 1.01 5.77 5.09
N ARG A 236 1.08 4.50 4.71
CA ARG A 236 2.12 4.03 3.75
C ARG A 236 1.46 3.21 2.63
N PRO A 237 2.08 3.07 1.43
CA PRO A 237 1.52 2.28 0.33
C PRO A 237 1.44 0.78 0.63
N PRO A 238 0.40 0.06 0.14
CA PRO A 238 0.24 -1.38 0.40
C PRO A 238 1.30 -2.26 -0.27
N ARG A 239 1.61 -3.42 0.34
CA ARG A 239 2.64 -4.35 -0.21
C ARG A 239 2.25 -4.82 -1.61
N LEU A 240 3.07 -4.51 -2.62
CA LEU A 240 2.81 -4.97 -4.01
C LEU A 240 3.29 -6.42 -4.15
N CYS A 241 4.37 -6.78 -3.45
CA CYS A 241 4.97 -8.14 -3.57
C CYS A 241 4.32 -9.11 -2.56
N GLN A 242 4.90 -10.30 -2.41
CA GLN A 242 4.39 -11.31 -1.44
C GLN A 242 5.41 -11.46 -0.30
N TYR A 243 4.95 -11.47 0.95
CA TYR A 243 5.87 -11.56 2.11
C TYR A 243 6.68 -12.86 2.05
N GLU A 244 7.93 -12.82 2.52
CA GLU A 244 8.81 -14.03 2.46
C GLU A 244 9.20 -14.43 3.88
N LYS A 245 9.85 -13.51 4.61
CA LYS A 245 10.26 -13.79 5.99
C LYS A 245 9.55 -12.80 6.91
N ALA A 246 9.13 -13.23 8.10
CA ALA A 246 8.54 -12.30 9.09
C ALA A 246 9.60 -11.32 9.60
N LYS A 247 10.82 -11.82 9.87
CA LYS A 247 11.91 -10.97 10.44
C LYS A 247 12.34 -9.85 9.50
N ASN A 248 12.42 -10.10 8.19
CA ASN A 248 12.98 -9.08 7.27
C ASN A 248 11.96 -8.65 6.21
N VAL A 249 12.19 -7.49 5.57
CA VAL A 249 11.25 -7.00 4.52
C VAL A 249 11.76 -7.46 3.15
N ASN A 250 12.60 -8.51 3.14
CA ASN A 250 13.19 -8.99 1.86
C ASN A 250 12.05 -9.47 0.96
N PHE A 251 12.11 -9.16 -0.34
CA PHE A 251 10.99 -9.50 -1.26
C PHE A 251 11.52 -9.92 -2.63
N GLN A 252 10.70 -10.61 -3.42
CA GLN A 252 11.10 -10.97 -4.80
C GLN A 252 10.47 -9.91 -5.72
N PRO A 253 11.22 -9.26 -6.63
CA PRO A 253 10.66 -8.18 -7.46
C PRO A 253 9.49 -8.63 -8.33
N SER A 254 8.44 -7.81 -8.42
CA SER A 254 7.22 -8.18 -9.19
C SER A 254 6.75 -6.99 -10.03
N GLY A 255 5.98 -7.26 -11.10
CA GLY A 255 5.48 -6.20 -11.99
C GLY A 255 4.58 -5.21 -11.27
N VAL A 256 4.41 -4.01 -11.83
CA VAL A 256 3.63 -2.98 -11.16
C VAL A 256 2.15 -3.35 -11.12
N THR A 257 1.65 -3.96 -12.19
CA THR A 257 0.28 -4.44 -12.22
C THR A 257 0.24 -5.64 -13.17
N THR A 258 -0.97 -6.00 -13.56
CA THR A 258 -1.19 -7.07 -14.57
C THR A 258 -1.25 -6.41 -15.95
N THR A 259 -1.12 -7.20 -17.00
CA THR A 259 -1.08 -6.71 -18.37
C THR A 259 -2.42 -6.86 -19.06
N ARG A 260 -2.59 -6.13 -20.18
CA ARG A 260 -3.83 -6.26 -20.99
C ARG A 260 -3.42 -6.32 -22.47
N GLN A 261 -4.36 -6.61 -23.37
CA GLN A 261 -4.03 -6.78 -24.81
C GLN A 261 -3.44 -5.49 -25.39
N SER A 262 -4.06 -4.34 -25.12
CA SER A 262 -3.63 -3.06 -25.74
C SER A 262 -4.03 -1.87 -24.86
N ILE A 263 -3.42 -0.70 -25.10
CA ILE A 263 -3.73 0.50 -24.28
C ILE A 263 -5.19 0.93 -24.51
N THR A 264 -5.83 0.39 -25.56
CA THR A 264 -7.24 0.75 -25.87
C THR A 264 -8.11 -0.50 -25.74
N THR A 265 -7.80 -1.37 -24.76
CA THR A 265 -8.59 -2.61 -24.55
C THR A 265 -9.38 -2.49 -23.24
N MET A 266 -10.69 -2.74 -23.30
CA MET A 266 -11.56 -2.59 -22.09
C MET A 266 -11.70 -3.95 -21.39
N THR A 267 -10.97 -4.97 -21.86
CA THR A 267 -11.00 -6.30 -21.19
C THR A 267 -9.61 -6.58 -20.60
N ASN A 268 -9.54 -6.93 -19.31
CA ASN A 268 -8.25 -7.31 -18.69
C ASN A 268 -7.57 -8.40 -19.53
N GLY B 1 1.74 43.82 -5.85
CA GLY B 1 1.76 43.17 -7.16
C GLY B 1 3.02 42.38 -7.42
N TYR B 2 2.95 41.06 -7.21
CA TYR B 2 4.05 40.16 -7.46
C TYR B 2 3.51 38.89 -8.13
N SER B 3 4.41 37.94 -8.34
CA SER B 3 4.07 36.63 -8.89
C SER B 3 4.42 35.56 -7.87
N ASP B 4 3.57 34.55 -7.76
CA ASP B 4 3.81 33.44 -6.86
C ASP B 4 4.77 32.41 -7.44
N ARG B 5 5.48 32.75 -8.50
CA ARG B 5 6.45 31.85 -9.10
C ARG B 5 7.83 31.98 -8.47
N ALA B 6 8.18 33.15 -7.96
CA ALA B 6 9.45 33.36 -7.29
C ALA B 6 9.29 33.22 -5.79
N ARG B 7 10.39 32.87 -5.12
CA ARG B 7 10.34 32.60 -3.69
C ARG B 7 11.75 32.56 -3.14
N SER B 8 11.95 33.12 -1.95
CA SER B 8 13.24 33.14 -1.30
C SER B 8 13.11 32.57 0.11
N ILE B 9 14.10 31.81 0.53
CA ILE B 9 14.13 31.19 1.85
C ILE B 9 15.46 31.50 2.52
N THR B 10 15.39 32.04 3.74
CA THR B 10 16.56 32.47 4.48
C THR B 10 16.72 31.62 5.73
N LEU B 11 17.91 31.06 5.94
CA LEU B 11 18.16 30.22 7.10
C LEU B 11 19.61 30.39 7.53
N GLY B 12 19.81 30.85 8.75
CA GLY B 12 21.16 31.08 9.24
C GLY B 12 21.84 32.15 8.43
N ASN B 13 22.94 31.76 7.77
CA ASN B 13 23.72 32.70 6.92
C ASN B 13 23.56 32.31 5.45
N SER B 14 22.58 31.44 5.14
CA SER B 14 22.34 31.00 3.74
C SER B 14 20.97 31.49 3.25
N THR B 15 20.84 31.68 1.93
CA THR B 15 19.62 32.14 1.29
C THR B 15 19.47 31.42 -0.04
N ILE B 16 18.25 31.01 -0.38
CA ILE B 16 18.02 30.25 -1.65
C ILE B 16 16.91 30.95 -2.44
N THR B 17 17.22 31.47 -3.63
CA THR B 17 16.19 32.10 -4.49
C THR B 17 15.78 31.14 -5.61
N THR B 18 14.49 30.77 -5.68
CA THR B 18 13.99 29.83 -6.73
C THR B 18 13.73 30.55 -8.06
N GLN B 19 13.04 31.69 -8.05
CA GLN B 19 12.67 32.44 -9.29
C GLN B 19 11.51 31.75 -10.03
N GLU B 20 11.62 30.45 -10.31
CA GLU B 20 10.52 29.69 -10.97
C GLU B 20 10.26 28.40 -10.18
N CYS B 21 9.28 28.39 -9.27
CA CYS B 21 9.04 27.20 -8.42
C CYS B 21 7.55 27.01 -8.10
N ALA B 22 7.16 25.78 -7.77
CA ALA B 22 5.76 25.49 -7.34
C ALA B 22 5.62 25.80 -5.85
N ASN B 23 4.38 25.78 -5.32
CA ASN B 23 4.14 26.13 -3.89
C ASN B 23 4.88 25.16 -2.97
N VAL B 24 5.43 25.67 -1.85
CA VAL B 24 6.19 24.83 -0.88
C VAL B 24 5.25 23.81 -0.22
N VAL B 25 5.70 22.58 -0.02
CA VAL B 25 4.88 21.55 0.69
C VAL B 25 5.37 21.51 2.14
N VAL B 26 4.44 21.46 3.10
CA VAL B 26 4.78 21.50 4.52
C VAL B 26 4.34 20.18 5.12
N GLY B 27 5.24 19.19 5.09
CA GLY B 27 5.09 17.96 5.82
C GLY B 27 3.72 17.35 5.86
N TYR B 28 3.17 17.21 7.06
CA TYR B 28 1.81 16.75 7.28
C TYR B 28 0.94 17.88 7.82
N GLY B 29 1.17 19.08 7.31
CA GLY B 29 0.52 20.27 7.82
C GLY B 29 1.15 20.85 9.06
N VAL B 30 2.28 20.29 9.50
CA VAL B 30 2.93 20.68 10.74
C VAL B 30 4.22 21.41 10.40
N TRP B 31 4.51 22.48 11.13
CA TRP B 31 5.78 23.17 10.99
C TRP B 31 6.73 22.72 12.09
N PRO B 32 8.01 22.47 11.79
CA PRO B 32 8.93 21.97 12.82
C PRO B 32 9.12 22.97 13.95
N ASP B 33 8.97 22.49 15.17
CA ASP B 33 9.13 23.27 16.40
C ASP B 33 10.01 22.48 17.37
N TYR B 34 10.19 23.03 18.57
CA TYR B 34 11.04 22.41 19.58
C TYR B 34 10.24 21.40 20.38
N LEU B 35 10.92 20.69 21.28
CA LEU B 35 10.28 19.69 22.11
C LEU B 35 9.65 20.33 23.33
N LYS B 36 8.40 19.96 23.60
CA LYS B 36 7.65 20.57 24.72
C LYS B 36 8.05 19.93 26.05
N ASP B 37 7.85 20.67 27.14
CA ASP B 37 8.19 20.18 28.47
C ASP B 37 7.20 19.18 29.02
N SER B 38 6.08 18.96 28.33
CA SER B 38 5.12 17.94 28.70
C SER B 38 5.28 16.66 27.89
N GLU B 39 6.15 16.66 26.87
CA GLU B 39 6.43 15.48 26.08
C GLU B 39 7.86 14.99 26.21
N ALA B 40 8.67 15.64 27.04
CA ALA B 40 10.07 15.29 27.15
C ALA B 40 10.27 14.10 28.08
N THR B 41 11.42 13.45 27.94
CA THR B 41 11.78 12.34 28.82
C THR B 41 13.17 12.49 29.44
N ALA B 42 14.15 12.99 28.69
CA ALA B 42 15.51 13.11 29.19
C ALA B 42 15.64 14.35 30.06
N GLU B 43 16.30 14.20 31.21
CA GLU B 43 16.19 15.19 32.27
C GLU B 43 17.23 16.29 32.20
N ASP B 44 18.34 16.03 31.52
CA ASP B 44 19.43 17.05 31.42
C ASP B 44 19.02 18.15 30.44
N GLN B 45 19.68 19.31 30.54
CA GLN B 45 19.32 20.48 29.74
C GLN B 45 19.83 20.33 28.31
N PRO B 46 18.98 20.48 27.30
CA PRO B 46 19.43 20.35 25.92
C PRO B 46 20.21 21.55 25.45
N THR B 47 20.96 21.33 24.37
CA THR B 47 21.70 22.40 23.70
C THR B 47 21.00 22.75 22.39
N GLN B 48 21.05 24.03 22.04
CA GLN B 48 20.38 24.50 20.79
C GLN B 48 21.32 25.45 20.07
N PRO B 49 22.19 24.95 19.14
CA PRO B 49 23.15 25.81 18.45
C PRO B 49 22.41 26.88 17.64
N ASP B 50 21.28 26.53 17.02
CA ASP B 50 20.39 27.51 16.32
C ASP B 50 20.93 28.00 14.98
N VAL B 51 22.07 28.69 14.95
CA VAL B 51 22.52 29.28 13.65
C VAL B 51 23.59 28.37 13.03
N ALA B 52 24.45 27.80 13.87
CA ALA B 52 25.55 26.95 13.36
C ALA B 52 25.00 25.69 12.69
N THR B 53 23.98 25.08 13.27
CA THR B 53 23.48 23.78 12.72
C THR B 53 22.32 24.01 11.75
N CYS B 54 21.54 25.07 11.92
CA CYS B 54 20.34 25.25 11.08
C CYS B 54 20.66 26.15 9.88
N ARG B 55 21.45 25.64 8.93
CA ARG B 55 21.79 26.41 7.71
C ARG B 55 21.72 25.47 6.50
N PHE B 56 21.65 26.03 5.29
CA PHE B 56 21.54 25.23 4.04
C PHE B 56 22.86 24.52 3.73
N TYR B 57 22.81 23.20 3.60
CA TYR B 57 23.99 22.36 3.25
C TYR B 57 23.77 21.84 1.83
N THR B 58 24.79 21.96 0.96
CA THR B 58 24.62 21.60 -0.44
C THR B 58 25.47 20.37 -0.73
N LEU B 59 24.81 19.25 -0.99
CA LEU B 59 25.52 18.01 -1.28
C LEU B 59 26.10 18.04 -2.69
N ASP B 60 26.89 17.02 -3.00
CA ASP B 60 27.50 16.93 -4.33
C ASP B 60 26.48 16.51 -5.37
N SER B 61 26.61 17.09 -6.56
CA SER B 61 25.60 16.92 -7.60
C SER B 61 25.68 15.54 -8.24
N VAL B 62 24.62 15.20 -8.96
CA VAL B 62 24.54 14.01 -9.79
C VAL B 62 24.12 14.44 -11.18
N GLN B 63 24.18 13.51 -12.12
CA GLN B 63 23.85 13.80 -13.51
C GLN B 63 22.59 13.06 -13.93
N TRP B 64 21.67 13.76 -14.56
CA TRP B 64 20.43 13.18 -15.08
C TRP B 64 20.66 12.78 -16.53
N GLN B 65 20.87 11.49 -16.76
CA GLN B 65 21.04 10.98 -18.11
C GLN B 65 19.70 10.50 -18.63
N LYS B 66 19.68 10.03 -19.89
CA LYS B 66 18.43 9.57 -20.47
C LYS B 66 17.93 8.27 -19.85
N THR B 67 18.81 7.48 -19.25
CA THR B 67 18.43 6.18 -18.70
C THR B 67 18.64 6.10 -17.19
N SER B 68 18.65 7.22 -16.51
CA SER B 68 18.86 7.23 -15.07
C SER B 68 17.65 6.63 -14.35
N PRO B 69 17.82 5.58 -13.55
CA PRO B 69 16.68 5.06 -12.78
C PRO B 69 16.23 6.01 -11.67
N GLY B 70 17.16 6.48 -10.86
CA GLY B 70 16.82 7.32 -9.73
C GLY B 70 17.88 7.26 -8.68
N TRP B 71 17.75 8.10 -7.64
CA TRP B 71 18.77 8.18 -6.56
C TRP B 71 18.08 8.26 -5.20
N TRP B 72 18.78 7.91 -4.11
CA TRP B 72 18.21 8.06 -2.74
C TRP B 72 19.25 8.57 -1.75
N TRP B 73 18.82 9.33 -0.74
CA TRP B 73 19.74 9.80 0.33
C TRP B 73 19.11 9.53 1.69
N LYS B 74 19.78 8.82 2.60
CA LYS B 74 19.27 8.69 3.99
C LYS B 74 19.57 10.06 4.62
N LEU B 75 18.55 10.81 5.04
CA LEU B 75 18.77 12.22 5.46
C LEU B 75 19.69 12.44 6.68
N PRO B 76 19.60 11.72 7.82
CA PRO B 76 20.54 11.98 8.92
C PRO B 76 21.98 11.67 8.49
N ASP B 77 22.20 10.63 7.68
CA ASP B 77 23.59 10.22 7.36
C ASP B 77 24.22 11.06 6.25
N ALA B 78 23.41 11.80 5.48
CA ALA B 78 24.01 12.71 4.47
C ALA B 78 24.74 13.87 5.11
N LEU B 79 24.21 14.44 6.19
CA LEU B 79 24.83 15.65 6.80
C LEU B 79 25.73 15.25 7.97
N SER B 80 26.07 13.96 8.09
CA SER B 80 26.88 13.45 9.23
C SER B 80 28.25 14.11 9.31
N ASN B 81 28.89 14.38 8.17
CA ASN B 81 30.27 14.94 8.19
C ASN B 81 30.27 16.41 7.76
N LEU B 82 29.13 17.09 7.81
CA LEU B 82 29.07 18.47 7.28
C LEU B 82 28.94 19.56 8.36
N GLY B 83 29.98 20.37 8.55
CA GLY B 83 29.93 21.53 9.43
C GLY B 83 29.79 21.15 10.88
N LEU B 84 29.23 22.08 11.65
CA LEU B 84 29.00 21.83 13.07
C LEU B 84 27.81 20.94 13.33
N PHE B 85 26.94 20.72 12.35
CA PHE B 85 25.84 19.77 12.50
C PHE B 85 26.38 18.37 12.77
N GLY B 86 27.33 17.92 11.94
CA GLY B 86 27.92 16.61 12.14
C GLY B 86 28.68 16.51 13.45
N GLN B 87 29.39 17.57 13.82
CA GLN B 87 30.23 17.53 15.05
C GLN B 87 29.35 17.29 16.29
N ASN B 88 28.30 18.10 16.46
CA ASN B 88 27.40 17.99 17.63
C ASN B 88 26.73 16.61 17.62
N MET B 89 26.37 16.13 16.43
CA MET B 89 25.67 14.82 16.29
C MET B 89 26.56 13.70 16.84
N GLN B 90 27.88 13.77 16.59
CA GLN B 90 28.83 12.73 17.08
C GLN B 90 28.92 12.76 18.60
N TYR B 91 29.23 13.93 19.19
CA TYR B 91 29.44 14.01 20.66
C TYR B 91 28.16 13.66 21.43
N HIS B 92 27.01 14.17 20.98
CA HIS B 92 25.74 13.94 21.71
C HIS B 92 25.18 12.54 21.46
N TYR B 93 24.35 12.04 22.38
CA TYR B 93 23.76 10.68 22.24
C TYR B 93 22.38 10.79 21.58
N LEU B 94 21.59 11.81 21.96
CA LEU B 94 20.26 11.95 21.41
C LEU B 94 20.17 13.25 20.61
N GLY B 95 19.47 13.20 19.49
CA GLY B 95 19.25 14.38 18.67
C GLY B 95 17.82 14.40 18.15
N ARG B 96 17.38 15.58 17.70
CA ARG B 96 15.98 15.73 17.21
C ARG B 96 15.94 16.91 16.24
N THR B 97 15.78 16.63 14.94
CA THR B 97 15.84 17.75 13.95
C THR B 97 14.82 17.63 12.83
N GLY B 98 14.27 18.77 12.39
CA GLY B 98 13.33 18.85 11.25
C GLY B 98 14.12 19.21 10.00
N TYR B 99 13.55 19.08 8.81
CA TYR B 99 14.36 19.39 7.63
C TYR B 99 13.62 20.29 6.65
N THR B 100 14.40 20.91 5.78
CA THR B 100 13.92 21.60 4.59
C THR B 100 14.76 21.10 3.43
N VAL B 101 14.12 20.47 2.44
CA VAL B 101 14.82 19.94 1.27
C VAL B 101 14.49 20.83 0.08
N HIS B 102 15.55 21.23 -0.64
CA HIS B 102 15.39 22.09 -1.85
C HIS B 102 16.15 21.44 -3.02
N VAL B 103 15.44 20.78 -3.93
CA VAL B 103 16.03 20.10 -5.07
C VAL B 103 15.95 21.03 -6.28
N GLN B 104 17.04 21.16 -7.00
CA GLN B 104 17.14 22.07 -8.13
C GLN B 104 17.57 21.30 -9.38
N CYS B 105 16.88 21.57 -10.49
CA CYS B 105 17.26 21.06 -11.80
C CYS B 105 16.65 21.99 -12.83
N ASN B 106 17.48 22.62 -13.65
CA ASN B 106 17.00 23.52 -14.68
C ASN B 106 17.36 22.99 -16.06
N ALA B 107 16.59 23.45 -17.05
CA ALA B 107 16.81 23.07 -18.45
C ALA B 107 16.10 24.09 -19.32
N SER B 108 16.38 24.01 -20.62
CA SER B 108 15.82 24.95 -21.63
C SER B 108 14.40 24.53 -22.03
N LYS B 109 13.73 25.38 -22.79
CA LYS B 109 12.36 25.15 -23.24
C LYS B 109 12.27 24.00 -24.22
N PHE B 110 13.40 23.43 -24.63
CA PHE B 110 13.42 22.36 -25.61
C PHE B 110 13.80 21.02 -25.00
N HIS B 111 14.07 21.02 -23.69
CA HIS B 111 14.37 19.78 -22.92
C HIS B 111 13.05 19.32 -22.28
N GLN B 112 12.85 18.01 -22.14
CA GLN B 112 11.60 17.50 -21.50
C GLN B 112 11.95 16.40 -20.49
N GLY B 113 11.10 16.25 -19.46
CA GLY B 113 11.32 15.23 -18.41
C GLY B 113 10.44 15.50 -17.20
N CYS B 114 10.47 14.60 -16.21
CA CYS B 114 9.67 14.74 -15.01
C CYS B 114 10.27 13.91 -13.89
N LEU B 115 10.62 14.57 -12.77
CA LEU B 115 11.21 13.87 -11.60
C LEU B 115 10.17 13.85 -10.48
N LEU B 116 10.23 12.86 -9.60
CA LEU B 116 9.35 12.87 -8.40
C LEU B 116 10.26 13.02 -7.18
N VAL B 117 10.02 14.05 -6.37
CA VAL B 117 10.82 14.21 -5.12
C VAL B 117 9.93 13.76 -3.96
N VAL B 118 10.27 12.65 -3.29
CA VAL B 118 9.40 12.15 -2.18
C VAL B 118 10.21 11.99 -0.90
N CYS B 119 9.71 12.54 0.22
CA CYS B 119 10.40 12.35 1.52
C CYS B 119 9.71 11.16 2.18
N VAL B 120 10.38 10.02 2.28
CA VAL B 120 9.72 8.79 2.82
C VAL B 120 10.20 8.53 4.24
N PRO B 121 9.32 8.60 5.27
CA PRO B 121 9.72 8.28 6.64
C PRO B 121 9.90 6.77 6.85
N GLU B 122 10.92 6.38 7.61
CA GLU B 122 11.17 4.94 7.93
C GLU B 122 11.22 4.09 6.66
N ALA B 123 12.05 4.47 5.69
CA ALA B 123 12.13 3.74 4.41
C ALA B 123 13.03 2.52 4.57
N GLU B 124 12.56 1.49 5.26
CA GLU B 124 13.34 0.23 5.42
C GLU B 124 13.50 -0.39 4.03
N MET B 125 14.70 -0.84 3.67
CA MET B 125 14.92 -1.37 2.29
C MET B 125 15.25 -2.87 2.31
N GLY B 126 14.63 -3.64 1.41
CA GLY B 126 14.84 -5.11 1.37
C GLY B 126 16.21 -5.49 0.86
N CYS B 127 16.46 -6.79 0.69
CA CYS B 127 17.80 -7.28 0.27
C CYS B 127 17.65 -8.17 -0.96
N ALA B 128 18.69 -8.22 -1.80
CA ALA B 128 18.65 -9.10 -3.00
C ALA B 128 18.53 -10.55 -2.52
N THR B 129 19.21 -10.90 -1.43
CA THR B 129 19.16 -12.27 -0.87
C THR B 129 18.15 -12.32 0.28
N LEU B 130 17.21 -13.26 0.24
CA LEU B 130 16.15 -13.37 1.29
C LEU B 130 16.74 -13.70 2.66
N ASP B 131 17.77 -14.54 2.72
CA ASP B 131 18.31 -15.00 4.03
C ASP B 131 18.89 -13.87 4.90
N ASN B 132 19.60 -12.90 4.30
CA ASN B 132 20.29 -11.88 5.14
C ASN B 132 19.83 -10.45 4.84
N THR B 133 19.95 -9.55 5.82
CA THR B 133 19.56 -8.13 5.63
C THR B 133 20.67 -7.39 4.88
N PRO B 134 20.38 -6.26 4.20
CA PRO B 134 21.42 -5.48 3.51
C PRO B 134 22.43 -4.82 4.47
N SER B 135 23.69 -4.66 4.03
CA SER B 135 24.75 -4.07 4.88
C SER B 135 24.64 -2.53 4.88
N SER B 136 25.36 -1.86 5.80
CA SER B 136 25.33 -0.39 5.88
C SER B 136 26.09 0.20 4.70
N ALA B 137 27.24 -0.38 4.36
CA ALA B 137 28.05 0.09 3.21
C ALA B 137 27.22 0.00 1.93
N GLU B 138 26.08 -0.68 1.99
CA GLU B 138 25.18 -0.83 0.87
C GLU B 138 23.94 0.05 0.99
N LEU B 139 23.42 0.20 2.21
CA LEU B 139 22.18 0.93 2.42
C LEU B 139 22.39 2.43 2.35
N LEU B 140 23.49 2.92 2.90
CA LEU B 140 23.71 4.36 3.03
C LEU B 140 25.16 4.70 2.73
N GLY B 141 25.37 5.65 1.84
CA GLY B 141 26.67 6.22 1.64
C GLY B 141 26.63 7.73 1.73
N GLY B 142 27.26 8.30 2.76
CA GLY B 142 27.30 9.73 2.89
C GLY B 142 28.27 10.36 1.91
N ASP B 143 28.07 11.65 1.67
CA ASP B 143 28.85 12.46 0.73
C ASP B 143 28.59 12.06 -0.73
N SER B 144 27.67 11.15 -0.99
CA SER B 144 27.36 10.73 -2.35
C SER B 144 25.94 10.20 -2.37
N ALA B 145 25.42 10.00 -3.58
CA ALA B 145 24.08 9.47 -3.77
C ALA B 145 24.14 7.97 -3.99
N LYS B 146 23.02 7.32 -3.70
CA LYS B 146 22.82 5.90 -3.97
C LYS B 146 21.82 5.79 -5.10
N GLU B 147 22.13 4.95 -6.08
CA GLU B 147 21.34 4.88 -7.31
C GLU B 147 20.47 3.63 -7.32
N PHE B 148 19.31 3.74 -7.97
CA PHE B 148 18.40 2.62 -8.14
C PHE B 148 18.87 1.78 -9.33
N ALA B 149 18.08 0.78 -9.72
CA ALA B 149 18.41 -0.07 -10.85
C ALA B 149 17.19 -0.23 -11.75
N ASP B 150 17.43 -0.61 -13.00
CA ASP B 150 16.31 -0.78 -13.97
C ASP B 150 16.00 -2.28 -14.10
N LYS B 151 16.92 -3.13 -13.67
CA LYS B 151 16.74 -4.61 -13.78
C LYS B 151 16.89 -5.22 -12.39
N PRO B 152 16.16 -6.32 -12.05
CA PRO B 152 16.22 -6.89 -10.70
C PRO B 152 17.65 -7.33 -10.35
N VAL B 153 18.09 -7.00 -9.13
CA VAL B 153 19.47 -7.37 -8.69
C VAL B 153 19.54 -8.90 -8.55
N ALA B 154 20.64 -9.49 -9.01
CA ALA B 154 20.79 -10.97 -8.96
C ALA B 154 20.82 -11.44 -7.50
N SER B 155 20.05 -12.48 -7.17
CA SER B 155 20.05 -13.03 -5.80
C SER B 155 21.19 -14.05 -5.69
N GLY B 156 21.57 -14.43 -4.48
CA GLY B 156 22.66 -15.36 -4.28
C GLY B 156 23.10 -15.38 -2.85
N SER B 157 24.40 -15.27 -2.60
CA SER B 157 24.93 -15.16 -1.25
C SER B 157 25.66 -13.82 -1.17
N ASN B 158 24.92 -12.77 -0.81
CA ASN B 158 25.46 -11.42 -0.71
C ASN B 158 24.62 -10.64 0.27
N LYS B 159 25.03 -9.40 0.54
CA LYS B 159 24.28 -8.49 1.39
C LYS B 159 23.91 -7.23 0.61
N LEU B 160 23.56 -7.41 -0.66
CA LEU B 160 23.21 -6.24 -1.51
C LEU B 160 21.82 -5.72 -1.15
N VAL B 161 21.41 -4.58 -1.73
CA VAL B 161 20.05 -4.03 -1.50
C VAL B 161 19.26 -4.23 -2.79
N GLN B 162 18.04 -4.75 -2.72
CA GLN B 162 17.24 -4.83 -3.97
C GLN B 162 17.03 -3.39 -4.43
N ARG B 163 17.35 -3.06 -5.68
CA ARG B 163 17.29 -1.63 -6.12
C ARG B 163 16.26 -1.42 -7.22
N VAL B 164 15.34 -2.35 -7.45
CA VAL B 164 14.42 -2.16 -8.60
C VAL B 164 13.67 -0.85 -8.38
N VAL B 165 13.64 0.02 -9.39
CA VAL B 165 12.99 1.36 -9.25
C VAL B 165 11.48 1.18 -9.04
N TYR B 166 10.86 0.25 -9.77
CA TYR B 166 9.39 0.06 -9.67
C TYR B 166 8.98 -0.42 -8.25
N ASN B 167 9.78 -1.30 -7.66
CA ASN B 167 9.47 -1.82 -6.29
C ASN B 167 9.97 -0.82 -5.24
N ALA B 168 10.75 0.19 -5.66
CA ALA B 168 11.20 1.27 -4.76
C ALA B 168 12.13 0.73 -3.66
N GLY B 169 12.51 -0.55 -3.75
CA GLY B 169 13.37 -1.16 -2.73
C GLY B 169 12.59 -1.52 -1.49
N MET B 170 11.27 -1.28 -1.49
CA MET B 170 10.44 -1.51 -0.29
C MET B 170 9.26 -2.45 -0.59
N GLY B 171 9.27 -3.11 -1.76
CA GLY B 171 8.16 -4.00 -2.14
C GLY B 171 6.83 -3.28 -2.27
N VAL B 172 6.82 -2.06 -2.82
CA VAL B 172 5.58 -1.26 -2.99
C VAL B 172 5.56 -0.69 -4.41
N GLY B 173 4.39 -0.30 -4.92
CA GLY B 173 4.34 0.36 -6.25
C GLY B 173 4.92 1.75 -6.18
N VAL B 174 5.83 2.09 -7.10
CA VAL B 174 6.49 3.44 -7.09
C VAL B 174 5.44 4.53 -7.32
N GLY B 175 4.38 4.21 -8.07
CA GLY B 175 3.29 5.18 -8.33
C GLY B 175 2.53 5.54 -7.08
N ASN B 176 2.47 4.65 -6.09
CA ASN B 176 1.66 4.86 -4.87
C ASN B 176 2.46 5.65 -3.82
N LEU B 177 3.68 6.09 -4.16
CA LEU B 177 4.56 6.84 -3.20
C LEU B 177 4.00 8.23 -2.92
N THR B 178 2.99 8.67 -3.67
CA THR B 178 2.38 10.01 -3.48
C THR B 178 1.53 10.05 -2.21
N ILE B 179 1.81 9.21 -1.20
CA ILE B 179 1.10 9.21 0.11
C ILE B 179 1.93 10.08 1.07
N PHE B 180 3.24 10.09 0.85
CA PHE B 180 4.18 10.87 1.70
C PHE B 180 4.29 12.29 1.14
N PRO B 181 4.78 13.32 1.89
CA PRO B 181 4.97 14.66 1.31
C PRO B 181 5.76 14.56 0.00
N HIS B 182 5.13 14.93 -1.13
CA HIS B 182 5.79 14.76 -2.44
C HIS B 182 5.66 16.03 -3.29
N GLN B 183 6.62 16.27 -4.18
CA GLN B 183 6.52 17.42 -5.13
C GLN B 183 7.02 16.93 -6.48
N TRP B 184 6.47 17.47 -7.58
CA TRP B 184 6.85 17.00 -8.94
C TRP B 184 7.64 18.09 -9.66
N ILE B 185 8.77 17.74 -10.27
CA ILE B 185 9.50 18.75 -11.09
C ILE B 185 9.22 18.46 -12.56
N ASN B 186 8.50 19.36 -13.24
CA ASN B 186 8.24 19.19 -14.69
C ASN B 186 9.12 20.21 -15.41
N LEU B 187 10.00 19.77 -16.31
CA LEU B 187 10.94 20.69 -16.93
C LEU B 187 10.25 21.79 -17.71
N ARG B 188 9.02 21.57 -18.15
CA ARG B 188 8.29 22.62 -18.86
C ARG B 188 7.61 23.61 -17.92
N THR B 189 7.49 23.27 -16.63
CA THR B 189 6.88 24.15 -15.64
C THR B 189 7.84 24.53 -14.53
N ASN B 190 8.37 23.52 -13.82
CA ASN B 190 9.21 23.77 -12.63
C ASN B 190 10.69 23.79 -12.99
N ASN B 191 11.51 24.07 -11.97
CA ASN B 191 12.99 24.04 -12.04
C ASN B 191 13.50 23.68 -10.65
N SER B 192 12.58 23.64 -9.67
CA SER B 192 12.97 23.26 -8.28
C SER B 192 11.78 22.73 -7.47
N ALA B 193 12.07 22.02 -6.38
CA ALA B 193 11.06 21.46 -5.44
C ALA B 193 11.48 21.78 -4.01
N THR B 194 10.53 22.10 -3.12
CA THR B 194 10.82 22.49 -1.76
C THR B 194 9.86 21.78 -0.83
N ILE B 195 10.39 20.98 0.10
CA ILE B 195 9.57 20.21 1.05
C ILE B 195 10.09 20.44 2.46
N VAL B 196 9.22 20.92 3.34
CA VAL B 196 9.53 21.09 4.77
C VAL B 196 8.96 19.90 5.52
N MET B 197 9.79 19.24 6.31
CA MET B 197 9.38 18.03 7.01
C MET B 197 9.58 18.21 8.51
N PRO B 198 8.58 17.90 9.33
CA PRO B 198 8.76 17.94 10.78
C PRO B 198 9.48 16.69 11.27
N TYR B 199 9.61 16.59 12.58
CA TYR B 199 10.21 15.42 13.21
C TYR B 199 9.14 14.35 13.39
N THR B 200 9.36 13.18 12.79
CA THR B 200 8.45 12.05 12.90
C THR B 200 9.16 10.91 13.59
N ASN B 201 8.55 10.38 14.65
CA ASN B 201 9.10 9.24 15.36
C ASN B 201 8.08 8.74 16.37
N SER B 202 8.29 7.51 16.83
CA SER B 202 7.54 6.95 17.94
C SER B 202 8.16 7.32 19.30
N VAL B 203 9.23 8.11 19.29
CA VAL B 203 9.95 8.46 20.51
C VAL B 203 10.32 9.93 20.46
N PRO B 204 10.49 10.55 21.64
CA PRO B 204 10.76 12.00 21.64
C PRO B 204 12.11 12.38 21.07
N MET B 205 13.12 11.52 21.20
CA MET B 205 14.46 11.76 20.68
C MET B 205 15.03 10.41 20.27
N ASP B 206 16.14 10.43 19.53
CA ASP B 206 16.72 9.15 19.03
C ASP B 206 18.20 9.34 18.66
N ASN B 207 18.94 8.23 18.51
CA ASN B 207 20.35 8.33 18.06
C ASN B 207 20.36 8.40 16.54
N MET B 208 20.90 9.48 15.98
CA MET B 208 20.89 9.69 14.51
C MET B 208 21.74 8.63 13.80
N PHE B 209 22.88 8.24 14.39
CA PHE B 209 23.80 7.28 13.72
C PHE B 209 23.15 5.90 13.51
N ARG B 210 22.42 5.39 14.51
CA ARG B 210 21.88 4.00 14.39
C ARG B 210 20.45 3.98 13.84
N HIS B 211 19.87 5.15 13.55
CA HIS B 211 18.45 5.19 13.07
C HIS B 211 18.25 6.35 12.09
N ASN B 212 17.65 6.07 10.93
CA ASN B 212 17.40 7.13 9.92
C ASN B 212 15.92 7.48 9.92
N ASN B 213 15.57 8.70 10.31
CA ASN B 213 14.14 9.11 10.40
C ASN B 213 13.46 9.16 9.04
N VAL B 214 14.13 9.68 8.01
CA VAL B 214 13.47 9.88 6.68
C VAL B 214 14.50 9.66 5.56
N THR B 215 14.05 9.23 4.38
CA THR B 215 14.95 9.01 3.22
C THR B 215 14.42 9.79 2.01
N LEU B 216 15.24 10.64 1.40
CA LEU B 216 14.79 11.47 0.26
C LEU B 216 15.08 10.72 -1.04
N MET B 217 14.07 10.52 -1.88
CA MET B 217 14.25 9.78 -3.16
C MET B 217 13.86 10.67 -4.34
N VAL B 218 14.75 10.78 -5.34
CA VAL B 218 14.39 11.53 -6.58
C VAL B 218 14.34 10.52 -7.73
N ILE B 219 13.19 10.37 -8.39
CA ILE B 219 13.04 9.33 -9.45
C ILE B 219 12.52 9.95 -10.74
N PRO B 220 13.23 9.83 -11.89
CA PRO B 220 12.71 10.31 -13.18
C PRO B 220 11.58 9.44 -13.73
N PHE B 221 10.32 9.81 -13.47
CA PHE B 221 9.17 9.08 -14.02
C PHE B 221 9.14 9.16 -15.54
N VAL B 222 9.08 10.38 -16.08
CA VAL B 222 9.17 10.61 -17.52
C VAL B 222 10.64 10.88 -17.84
N PRO B 223 11.24 10.21 -18.81
CA PRO B 223 12.68 10.33 -19.03
C PRO B 223 13.06 11.71 -19.53
N LEU B 224 14.36 11.99 -19.49
CA LEU B 224 14.90 13.21 -20.06
C LEU B 224 15.02 13.06 -21.57
N ASP B 225 14.77 14.16 -22.28
CA ASP B 225 14.87 14.14 -23.73
C ASP B 225 15.21 15.52 -24.25
N TYR B 226 15.83 15.53 -25.43
CA TYR B 226 16.20 16.75 -26.14
C TYR B 226 16.57 16.35 -27.56
N CYS B 227 16.73 17.33 -28.41
CA CYS B 227 17.13 17.17 -29.79
C CYS B 227 18.61 17.49 -29.96
N PRO B 228 19.28 16.86 -30.93
CA PRO B 228 20.73 17.05 -31.06
C PRO B 228 21.10 18.50 -31.33
N GLY B 229 22.09 18.99 -30.58
CA GLY B 229 22.53 20.36 -30.64
C GLY B 229 22.40 21.12 -29.35
N SER B 230 21.63 20.62 -28.40
CA SER B 230 21.40 21.29 -27.13
C SER B 230 22.19 20.61 -26.01
N THR B 231 22.22 21.26 -24.86
CA THR B 231 23.06 20.83 -23.76
C THR B 231 22.71 19.42 -23.32
N THR B 232 23.73 18.56 -23.25
CA THR B 232 23.53 17.16 -22.88
C THR B 232 23.82 16.87 -21.43
N TYR B 233 24.53 17.74 -20.71
CA TYR B 233 24.81 17.53 -19.30
C TYR B 233 23.83 18.34 -18.47
N VAL B 234 22.91 17.63 -17.82
CA VAL B 234 21.88 18.25 -16.98
C VAL B 234 21.99 17.68 -15.57
N PRO B 235 22.51 18.41 -14.60
CA PRO B 235 22.66 17.87 -13.25
C PRO B 235 21.45 18.14 -12.37
N ILE B 236 21.47 17.50 -11.19
CA ILE B 236 20.44 17.67 -10.17
C ILE B 236 21.13 17.93 -8.85
N THR B 237 20.79 19.03 -8.20
CA THR B 237 21.45 19.45 -6.97
C THR B 237 20.45 19.40 -5.81
N VAL B 238 20.94 18.99 -4.63
CA VAL B 238 20.03 18.84 -3.44
C VAL B 238 20.57 19.68 -2.29
N THR B 239 19.72 20.50 -1.68
CA THR B 239 20.15 21.35 -0.52
C THR B 239 19.29 20.98 0.70
N ILE B 240 19.91 20.68 1.84
CA ILE B 240 19.16 20.27 3.07
C ILE B 240 19.45 21.30 4.17
N ALA B 241 18.42 21.69 4.93
CA ALA B 241 18.60 22.67 6.03
C ALA B 241 18.00 22.15 7.33
N PRO B 242 18.81 21.68 8.31
CA PRO B 242 18.28 21.22 9.60
C PRO B 242 17.50 22.37 10.27
N MET B 243 16.32 22.06 10.80
CA MET B 243 15.44 23.07 11.45
C MET B 243 15.10 22.67 12.89
N CYS B 244 15.24 23.60 13.82
CA CYS B 244 14.92 23.37 15.27
C CYS B 244 15.63 22.11 15.78
N ALA B 245 16.92 21.97 15.45
CA ALA B 245 17.73 20.85 15.89
C ALA B 245 18.16 21.05 17.34
N GLU B 246 18.06 19.99 18.14
CA GLU B 246 18.54 20.03 19.50
C GLU B 246 19.06 18.67 19.91
N TYR B 247 20.01 18.67 20.86
CA TYR B 247 20.70 17.42 21.29
C TYR B 247 20.74 17.32 22.82
N ASN B 248 20.70 16.07 23.32
CA ASN B 248 20.78 15.73 24.76
C ASN B 248 21.76 14.57 24.94
N GLY B 249 22.58 14.59 26.00
CA GLY B 249 23.50 13.48 26.27
C GLY B 249 24.92 13.73 25.79
N LEU B 250 25.55 14.79 26.28
CA LEU B 250 26.95 15.12 25.91
C LEU B 250 27.90 14.12 26.57
N ARG B 251 28.77 13.52 25.76
CA ARG B 251 29.73 12.49 26.28
C ARG B 251 30.98 12.51 25.39
N LEU B 252 31.64 11.34 25.23
CA LEU B 252 32.84 11.24 24.38
C LEU B 252 32.43 11.32 22.90
N ALA B 253 33.34 11.74 22.02
CA ALA B 253 33.05 11.83 20.57
C ALA B 253 33.02 10.44 19.94
N GLY B 254 32.32 10.28 18.81
CA GLY B 254 32.30 9.00 18.08
C GLY B 254 31.03 8.20 18.34
N HIS B 255 30.67 7.32 17.40
CA HIS B 255 29.45 6.47 17.55
C HIS B 255 29.84 5.03 17.86
N GLN B 256 31.14 4.77 18.10
CA GLN B 256 31.62 3.39 18.36
C GLN B 256 30.75 2.74 19.44
N GLY C 1 -29.53 -17.25 43.91
CA GLY C 1 -29.68 -17.63 42.52
C GLY C 1 -30.76 -16.86 41.80
N LEU C 2 -30.36 -16.01 40.85
CA LEU C 2 -31.30 -15.30 40.00
C LEU C 2 -31.59 -16.14 38.78
N PRO C 3 -32.81 -16.63 38.57
CA PRO C 3 -33.06 -17.60 37.50
C PRO C 3 -32.91 -16.97 36.12
N THR C 4 -32.03 -17.54 35.30
CA THR C 4 -31.74 -17.10 33.94
C THR C 4 -32.08 -18.21 32.96
N MET C 5 -31.79 -17.95 31.67
CA MET C 5 -32.07 -18.95 30.61
C MET C 5 -31.16 -18.65 29.42
N ASN C 6 -30.24 -19.57 29.09
CA ASN C 6 -29.29 -19.36 27.96
C ASN C 6 -30.07 -19.35 26.65
N THR C 7 -29.63 -18.56 25.68
CA THR C 7 -30.38 -18.41 24.39
C THR C 7 -29.49 -18.91 23.26
N PRO C 8 -30.03 -19.31 22.09
CA PRO C 8 -29.19 -19.85 21.03
C PRO C 8 -28.12 -18.81 20.68
N GLY C 9 -26.87 -19.26 20.54
CA GLY C 9 -25.78 -18.31 20.28
C GLY C 9 -24.88 -18.19 21.49
N SER C 10 -25.11 -19.01 22.51
CA SER C 10 -24.29 -18.98 23.75
C SER C 10 -23.00 -19.75 23.54
N CYS C 11 -21.91 -19.36 24.22
CA CYS C 11 -20.62 -20.08 24.15
C CYS C 11 -20.12 -20.25 22.71
N GLN C 12 -20.20 -19.18 21.90
CA GLN C 12 -19.72 -19.23 20.49
C GLN C 12 -18.66 -18.16 20.29
N PHE C 13 -17.76 -18.33 19.32
CA PHE C 13 -16.77 -17.27 19.02
C PHE C 13 -17.08 -16.68 17.64
N LEU C 14 -17.42 -15.40 17.59
CA LEU C 14 -17.67 -14.71 16.29
C LEU C 14 -16.52 -13.73 16.09
N THR C 15 -15.82 -13.81 14.96
CA THR C 15 -14.63 -12.94 14.77
C THR C 15 -15.01 -11.46 14.82
N SER C 16 -16.28 -11.12 14.59
CA SER C 16 -16.66 -9.71 14.56
C SER C 16 -17.69 -9.40 15.66
N ASP C 17 -17.27 -9.53 16.92
CA ASP C 17 -18.13 -9.25 18.06
C ASP C 17 -17.53 -8.13 18.90
N ASP C 18 -18.25 -7.76 19.96
CA ASP C 18 -17.86 -6.60 20.78
C ASP C 18 -18.33 -6.83 22.22
N PHE C 19 -17.44 -7.38 23.03
CA PHE C 19 -17.72 -7.63 24.44
C PHE C 19 -16.53 -7.18 25.27
N GLN C 20 -16.76 -7.05 26.59
CA GLN C 20 -15.66 -6.67 27.52
C GLN C 20 -15.03 -7.96 28.06
N SER C 21 -13.72 -7.97 28.28
CA SER C 21 -13.03 -9.18 28.78
C SER C 21 -12.09 -8.83 29.95
N PRO C 22 -11.77 -9.78 30.85
CA PRO C 22 -10.90 -9.49 31.99
C PRO C 22 -9.45 -9.25 31.54
N SER C 23 -8.81 -8.21 32.07
CA SER C 23 -7.44 -7.87 31.73
C SER C 23 -6.48 -8.87 32.34
N ALA C 24 -5.40 -9.18 31.60
CA ALA C 24 -4.40 -10.16 32.07
C ALA C 24 -3.30 -9.41 32.83
N MET C 25 -3.20 -8.09 32.60
CA MET C 25 -2.20 -7.25 33.32
C MET C 25 -2.97 -6.12 34.03
N PRO C 26 -3.56 -6.30 35.24
CA PRO C 26 -4.37 -5.25 35.86
C PRO C 26 -3.58 -4.00 36.26
N GLN C 27 -4.19 -2.83 36.10
CA GLN C 27 -3.57 -1.54 36.51
C GLN C 27 -2.20 -1.36 35.85
N TYR C 28 -2.07 -1.73 34.57
CA TYR C 28 -0.79 -1.48 33.85
C TYR C 28 -0.72 0.00 33.47
N ASP C 29 0.40 0.66 33.80
CA ASP C 29 0.58 2.10 33.48
C ASP C 29 1.00 2.23 32.01
N VAL C 30 0.08 2.66 31.15
CA VAL C 30 0.36 2.76 29.69
C VAL C 30 1.20 4.01 29.43
N THR C 31 2.28 3.88 28.64
CA THR C 31 3.14 5.05 28.31
C THR C 31 2.29 6.06 27.54
N PRO C 32 2.33 7.38 27.91
CA PRO C 32 1.51 8.43 27.28
C PRO C 32 1.72 8.62 25.78
N GLU C 33 0.84 9.39 25.15
CA GLU C 33 0.92 9.53 23.68
C GLU C 33 1.50 10.90 23.32
N MET C 34 2.63 10.93 22.60
CA MET C 34 3.18 12.22 22.12
C MET C 34 2.42 12.58 20.85
N ARG C 35 2.45 13.85 20.43
CA ARG C 35 1.77 14.19 19.15
C ARG C 35 2.68 13.75 18.01
N ILE C 36 2.20 12.81 17.18
CA ILE C 36 3.00 12.34 16.02
C ILE C 36 2.33 12.89 14.76
N PRO C 37 3.03 13.55 13.79
CA PRO C 37 2.34 14.12 12.64
C PRO C 37 1.68 13.11 11.68
N GLY C 38 0.49 13.43 11.16
CA GLY C 38 -0.15 12.57 10.14
C GLY C 38 -1.10 11.54 10.70
N GLU C 39 -1.90 11.90 11.70
CA GLU C 39 -2.92 10.96 12.24
C GLU C 39 -3.96 10.63 11.16
N VAL C 40 -4.35 9.36 11.06
CA VAL C 40 -5.41 8.97 10.08
C VAL C 40 -6.63 8.51 10.88
N LYS C 41 -7.78 9.19 10.72
CA LYS C 41 -9.01 8.81 11.46
C LYS C 41 -9.97 8.06 10.52
N ASN C 42 -9.61 7.93 9.24
CA ASN C 42 -10.52 7.29 8.26
C ASN C 42 -9.71 6.81 7.06
N LEU C 43 -10.11 5.69 6.45
CA LEU C 43 -9.39 5.12 5.27
C LEU C 43 -9.65 6.02 4.05
N MET C 44 -10.82 6.63 3.96
CA MET C 44 -11.21 7.46 2.79
C MET C 44 -10.27 8.67 2.65
N GLU C 45 -9.67 9.15 3.73
CA GLU C 45 -8.69 10.26 3.62
C GLU C 45 -7.54 9.81 2.72
N ILE C 46 -7.07 8.57 2.88
CA ILE C 46 -6.01 8.00 2.00
C ILE C 46 -6.52 7.85 0.56
N ALA C 47 -7.77 7.41 0.37
CA ALA C 47 -8.31 7.14 -0.99
C ALA C 47 -8.50 8.43 -1.78
N GLU C 48 -8.34 9.59 -1.14
CA GLU C 48 -8.61 10.87 -1.84
C GLU C 48 -7.30 11.49 -2.34
N VAL C 49 -6.16 10.95 -1.92
CA VAL C 49 -4.85 11.46 -2.43
C VAL C 49 -4.63 10.94 -3.87
N ASP C 50 -3.84 11.68 -4.67
CA ASP C 50 -3.57 11.27 -6.07
C ASP C 50 -2.68 10.03 -6.10
N SER C 51 -2.79 9.20 -7.15
CA SER C 51 -1.93 8.01 -7.31
C SER C 51 -1.70 7.78 -8.81
N VAL C 52 -0.44 7.63 -9.24
CA VAL C 52 -0.17 7.51 -10.70
C VAL C 52 -0.86 6.25 -11.24
N VAL C 53 -1.50 6.35 -12.42
CA VAL C 53 -2.27 5.20 -12.97
C VAL C 53 -1.43 4.47 -14.04
N PRO C 54 -1.14 3.15 -13.93
CA PRO C 54 -0.40 2.43 -14.99
C PRO C 54 -1.29 2.11 -16.20
N VAL C 55 -1.45 3.10 -17.08
CA VAL C 55 -2.33 2.92 -18.23
C VAL C 55 -1.69 2.00 -19.27
N GLN C 56 -0.38 2.16 -19.49
CA GLN C 56 0.30 1.37 -20.50
C GLN C 56 0.84 0.06 -19.93
N ASN C 57 -0.03 -0.71 -19.28
CA ASN C 57 0.32 -2.04 -18.78
C ASN C 57 0.12 -3.05 -19.92
N VAL C 58 1.02 -2.97 -20.89
CA VAL C 58 0.92 -3.74 -22.13
C VAL C 58 2.22 -4.51 -22.29
N GLY C 59 2.18 -5.81 -22.02
CA GLY C 59 3.36 -6.64 -22.26
C GLY C 59 4.37 -6.47 -21.16
N GLU C 60 5.62 -6.23 -21.54
CA GLU C 60 6.71 -6.12 -20.59
C GLU C 60 6.77 -4.76 -19.90
N LYS C 61 5.92 -3.82 -20.31
CA LYS C 61 5.96 -2.47 -19.77
C LYS C 61 5.64 -2.40 -18.28
N VAL C 62 5.14 -3.49 -17.68
CA VAL C 62 4.85 -3.48 -16.25
C VAL C 62 6.11 -3.67 -15.43
N ASN C 63 7.14 -4.26 -16.00
CA ASN C 63 8.46 -4.35 -15.36
C ASN C 63 9.33 -3.18 -15.78
N SER C 64 8.79 -1.97 -15.67
CA SER C 64 9.48 -0.76 -16.06
C SER C 64 8.79 0.41 -15.38
N MET C 65 9.17 1.63 -15.81
CA MET C 65 8.42 2.82 -15.35
C MET C 65 7.58 3.23 -16.56
N GLU C 66 7.65 2.45 -17.65
CA GLU C 66 6.93 2.77 -18.87
C GLU C 66 5.44 2.51 -18.76
N ALA C 67 5.02 1.68 -17.80
CA ALA C 67 3.60 1.47 -17.59
C ALA C 67 2.87 2.74 -17.22
N TYR C 68 3.59 3.76 -16.79
CA TYR C 68 3.00 4.99 -16.29
C TYR C 68 2.91 6.09 -17.34
N GLN C 69 3.54 5.91 -18.49
CA GLN C 69 3.66 6.96 -19.49
C GLN C 69 2.69 6.73 -20.63
N ILE C 70 1.91 7.76 -20.97
CA ILE C 70 0.94 7.70 -22.05
C ILE C 70 1.56 8.37 -23.28
N PRO C 71 1.95 7.61 -24.30
CA PRO C 71 2.81 8.14 -25.37
C PRO C 71 2.09 8.88 -26.48
N VAL C 72 1.91 10.19 -26.34
CA VAL C 72 1.33 10.98 -27.43
C VAL C 72 2.42 11.44 -28.37
N ARG C 73 2.04 11.83 -29.58
CA ARG C 73 3.03 12.30 -30.59
C ARG C 73 2.35 13.17 -31.64
N SER C 74 3.11 13.55 -32.67
CA SER C 74 2.62 14.39 -33.80
C SER C 74 2.40 13.47 -35.01
N ASN C 75 1.17 13.41 -35.52
CA ASN C 75 0.83 12.51 -36.64
C ASN C 75 0.08 13.28 -37.74
N GLU C 76 0.07 12.77 -38.98
CA GLU C 76 -0.64 13.40 -40.12
C GLU C 76 -2.09 12.93 -40.16
N GLY C 77 -2.85 13.20 -39.09
CA GLY C 77 -4.26 12.81 -38.98
C GLY C 77 -4.93 13.56 -37.85
N SER C 78 -6.26 13.49 -37.75
CA SER C 78 -6.99 14.18 -36.64
C SER C 78 -8.19 13.33 -36.23
N GLY C 79 -8.32 13.05 -34.93
CA GLY C 79 -9.43 12.25 -34.46
C GLY C 79 -9.08 10.85 -34.02
N THR C 80 -7.81 10.53 -33.89
CA THR C 80 -7.39 9.20 -33.47
C THR C 80 -7.50 9.09 -31.95
N GLN C 81 -7.22 7.90 -31.43
CA GLN C 81 -7.42 7.58 -30.03
C GLN C 81 -6.10 7.44 -29.32
N VAL C 82 -6.05 7.90 -28.07
CA VAL C 82 -4.85 7.82 -27.26
C VAL C 82 -4.91 6.56 -26.39
N PHE C 83 -5.90 6.48 -25.51
CA PHE C 83 -6.05 5.31 -24.64
C PHE C 83 -7.54 5.05 -24.45
N GLY C 84 -7.86 4.09 -23.59
CA GLY C 84 -9.22 3.75 -23.24
C GLY C 84 -9.31 2.59 -22.28
N PHE C 85 -10.16 2.70 -21.26
CA PHE C 85 -10.31 1.63 -20.28
C PHE C 85 -11.65 1.77 -19.59
N PRO C 86 -12.16 0.70 -18.98
CA PRO C 86 -13.47 0.76 -18.35
C PRO C 86 -13.40 1.29 -16.91
N LEU C 87 -14.54 1.83 -16.47
CA LEU C 87 -14.68 2.39 -15.13
C LEU C 87 -14.96 1.26 -14.14
N GLN C 88 -13.88 0.63 -13.69
CA GLN C 88 -13.93 -0.36 -12.61
C GLN C 88 -12.76 -0.03 -11.69
N PRO C 89 -12.99 0.74 -10.63
CA PRO C 89 -11.87 1.24 -9.82
C PRO C 89 -11.12 0.17 -9.06
N GLY C 90 -11.65 -1.05 -8.97
CA GLY C 90 -11.00 -2.04 -8.13
C GLY C 90 -10.81 -3.38 -8.79
N TYR C 91 -11.36 -3.56 -9.99
CA TYR C 91 -11.23 -4.82 -10.70
C TYR C 91 -10.35 -4.74 -11.94
N SER C 92 -10.41 -3.64 -12.67
CA SER C 92 -9.61 -3.55 -13.90
C SER C 92 -8.13 -3.44 -13.55
N SER C 93 -7.30 -4.05 -14.39
CA SER C 93 -5.86 -4.08 -14.14
C SER C 93 -5.27 -2.68 -14.07
N VAL C 94 -5.92 -1.71 -14.72
CA VAL C 94 -5.43 -0.35 -14.69
C VAL C 94 -5.61 0.27 -13.32
N PHE C 95 -6.71 -0.05 -12.65
CA PHE C 95 -7.08 0.60 -11.40
C PHE C 95 -6.94 -0.28 -10.17
N SER C 96 -6.71 -1.58 -10.33
CA SER C 96 -6.72 -2.47 -9.16
C SER C 96 -5.49 -2.36 -8.30
N ARG C 97 -4.53 -1.48 -8.62
CA ARG C 97 -3.30 -1.40 -7.87
C ARG C 97 -2.93 0.01 -7.41
N THR C 98 -3.71 1.02 -7.77
CA THR C 98 -3.51 2.33 -7.19
C THR C 98 -3.94 2.32 -5.73
N LEU C 99 -3.76 3.44 -5.03
CA LEU C 99 -4.19 3.50 -3.65
C LEU C 99 -5.69 3.31 -3.53
N LEU C 100 -6.45 3.92 -4.45
CA LEU C 100 -7.89 3.78 -4.45
C LEU C 100 -8.30 2.33 -4.68
N GLY C 101 -7.71 1.68 -5.66
CA GLY C 101 -8.04 0.29 -5.93
C GLY C 101 -7.62 -0.64 -4.82
N GLU C 102 -6.48 -0.36 -4.19
CA GLU C 102 -6.01 -1.18 -3.08
C GLU C 102 -6.93 -1.05 -1.87
N ILE C 103 -7.51 0.12 -1.67
CA ILE C 103 -8.48 0.29 -0.56
C ILE C 103 -9.80 -0.40 -0.96
N LEU C 104 -10.17 -0.30 -2.23
CA LEU C 104 -11.42 -0.89 -2.68
C LEU C 104 -11.41 -2.41 -2.55
N ASN C 105 -10.27 -3.04 -2.83
CA ASN C 105 -10.23 -4.49 -2.80
C ASN C 105 -10.46 -5.08 -1.41
N TYR C 106 -10.69 -4.22 -0.40
CA TYR C 106 -11.03 -4.74 0.95
C TYR C 106 -12.54 -4.57 1.18
N TYR C 107 -13.27 -4.02 0.20
CA TYR C 107 -14.71 -3.73 0.39
C TYR C 107 -15.55 -4.28 -0.77
N THR C 108 -16.72 -4.86 -0.47
CA THR C 108 -17.62 -5.41 -1.52
C THR C 108 -18.25 -4.32 -2.40
N HIS C 109 -18.64 -3.18 -1.83
CA HIS C 109 -19.40 -2.16 -2.62
C HIS C 109 -18.70 -0.80 -2.63
N TRP C 110 -18.99 0.04 -3.64
CA TRP C 110 -18.41 1.40 -3.73
C TRP C 110 -19.45 2.37 -4.32
N SER C 111 -19.31 3.68 -4.07
CA SER C 111 -20.23 4.68 -4.57
C SER C 111 -19.55 6.05 -4.57
N GLY C 112 -19.75 6.82 -5.61
CA GLY C 112 -19.26 8.18 -5.62
C GLY C 112 -18.62 8.54 -6.94
N SER C 113 -18.03 9.73 -6.98
CA SER C 113 -17.42 10.27 -8.18
C SER C 113 -15.91 10.07 -8.15
N ILE C 114 -15.32 10.06 -9.35
CA ILE C 114 -13.90 9.80 -9.51
C ILE C 114 -13.24 11.01 -10.15
N LYS C 115 -11.99 11.28 -9.76
CA LYS C 115 -11.21 12.34 -10.37
C LYS C 115 -10.04 11.72 -11.13
N LEU C 116 -9.87 12.12 -12.39
CA LEU C 116 -8.72 11.65 -13.20
C LEU C 116 -7.95 12.90 -13.65
N THR C 117 -6.72 13.08 -13.16
CA THR C 117 -5.93 14.30 -13.49
C THR C 117 -4.83 13.94 -14.49
N PHE C 118 -4.75 14.67 -15.61
CA PHE C 118 -3.75 14.33 -16.66
C PHE C 118 -2.72 15.46 -16.74
N MET C 119 -1.43 15.12 -16.66
CA MET C 119 -0.36 16.17 -16.67
C MET C 119 0.53 15.99 -17.91
N PHE C 120 0.72 17.06 -18.69
CA PHE C 120 1.55 16.99 -19.92
C PHE C 120 3.03 17.11 -19.55
N CYS C 121 3.85 16.14 -19.95
CA CYS C 121 5.27 16.15 -19.61
C CYS C 121 6.14 16.22 -20.87
N GLY C 122 5.74 17.05 -21.83
CA GLY C 122 6.54 17.34 -22.99
C GLY C 122 7.32 18.63 -22.82
N SER C 123 7.74 19.20 -23.94
CA SER C 123 8.50 20.43 -23.93
C SER C 123 7.60 21.63 -23.63
N ALA C 124 8.22 22.75 -23.28
CA ALA C 124 7.48 23.99 -23.10
C ALA C 124 7.14 24.65 -24.42
N MET C 125 7.66 24.12 -25.53
CA MET C 125 7.36 24.63 -26.86
C MET C 125 6.29 23.82 -27.58
N ALA C 126 5.92 22.65 -27.05
CA ALA C 126 4.90 21.82 -27.67
C ALA C 126 3.52 22.26 -27.20
N THR C 127 2.57 22.22 -28.12
CA THR C 127 1.20 22.63 -27.85
C THR C 127 0.24 21.58 -28.39
N GLY C 128 -0.85 21.36 -27.67
CA GLY C 128 -1.80 20.34 -28.06
C GLY C 128 -3.22 20.64 -27.69
N LYS C 129 -4.11 19.68 -27.93
CA LYS C 129 -5.52 19.81 -27.59
C LYS C 129 -6.13 18.41 -27.62
N PHE C 130 -6.82 18.03 -26.55
CA PHE C 130 -7.32 16.68 -26.39
C PHE C 130 -8.79 16.69 -26.01
N LEU C 131 -9.45 15.56 -26.24
CA LEU C 131 -10.81 15.33 -25.81
C LEU C 131 -10.83 14.14 -24.86
N LEU C 132 -11.24 14.38 -23.62
CA LEU C 132 -11.32 13.33 -22.61
C LEU C 132 -12.79 13.06 -22.34
N ALA C 133 -13.22 11.81 -22.55
CA ALA C 133 -14.65 11.50 -22.54
C ALA C 133 -14.97 10.29 -21.65
N TYR C 134 -16.12 10.37 -20.99
CA TYR C 134 -16.72 9.27 -20.27
C TYR C 134 -18.06 8.94 -20.93
N SER C 135 -18.33 7.66 -21.15
CA SER C 135 -19.57 7.21 -21.77
C SER C 135 -20.20 6.13 -20.92
N PRO C 136 -21.39 6.36 -20.38
CA PRO C 136 -22.04 5.34 -19.54
C PRO C 136 -22.52 4.17 -20.37
N PRO C 137 -22.77 3.02 -19.74
CA PRO C 137 -23.04 1.80 -20.50
C PRO C 137 -24.39 1.83 -21.19
N GLY C 138 -24.60 0.85 -22.07
CA GLY C 138 -25.81 0.76 -22.85
C GLY C 138 -25.49 0.54 -24.31
N ALA C 139 -24.45 1.20 -24.78
CA ALA C 139 -23.84 0.94 -26.06
C ALA C 139 -22.35 0.68 -25.84
N GLY C 140 -21.72 0.01 -26.78
CA GLY C 140 -20.33 -0.36 -26.61
C GLY C 140 -19.40 0.82 -26.47
N ALA C 141 -18.11 0.56 -26.34
CA ALA C 141 -17.14 1.65 -26.31
C ALA C 141 -17.16 2.38 -27.65
N PRO C 142 -17.09 3.71 -27.65
CA PRO C 142 -17.05 4.43 -28.92
C PRO C 142 -15.78 4.11 -29.70
N THR C 143 -15.91 4.00 -31.02
CA THR C 143 -14.74 3.64 -31.87
C THR C 143 -14.27 4.87 -32.64
N LYS C 144 -15.03 5.96 -32.58
CA LYS C 144 -14.67 7.21 -33.30
C LYS C 144 -14.83 8.41 -32.38
N ARG C 145 -14.13 9.51 -32.66
CA ARG C 145 -14.18 10.71 -31.78
C ARG C 145 -15.62 11.25 -31.76
N VAL C 146 -16.31 11.21 -32.90
CA VAL C 146 -17.70 11.76 -32.98
C VAL C 146 -18.62 10.98 -32.04
N ASP C 147 -18.48 9.64 -31.97
CA ASP C 147 -19.29 8.84 -31.03
C ASP C 147 -18.94 9.22 -29.59
N ALA C 148 -17.66 9.42 -29.30
CA ALA C 148 -17.21 9.77 -27.92
C ALA C 148 -17.65 11.20 -27.58
N MET C 149 -17.74 12.06 -28.60
CA MET C 149 -18.15 13.45 -28.38
C MET C 149 -19.49 13.53 -27.67
N LEU C 150 -20.35 12.53 -27.88
CA LEU C 150 -21.73 12.60 -27.40
C LEU C 150 -21.86 12.30 -25.92
N GLY C 151 -20.83 11.80 -25.27
CA GLY C 151 -20.87 11.55 -23.84
C GLY C 151 -20.48 12.76 -23.03
N THR C 152 -19.88 12.53 -21.88
CA THR C 152 -19.43 13.60 -20.99
C THR C 152 -17.95 13.86 -21.29
N HIS C 153 -17.66 14.96 -21.94
CA HIS C 153 -16.29 15.21 -22.37
C HIS C 153 -15.77 16.54 -21.82
N VAL C 154 -14.46 16.69 -21.91
CA VAL C 154 -13.74 17.91 -21.59
C VAL C 154 -12.70 18.12 -22.68
N VAL C 155 -12.58 19.34 -23.18
CA VAL C 155 -11.56 19.70 -24.14
C VAL C 155 -10.39 20.32 -23.38
N TRP C 156 -9.25 19.64 -23.41
CA TRP C 156 -8.06 20.05 -22.67
C TRP C 156 -7.15 20.82 -23.62
N ASP C 157 -6.85 22.06 -23.25
CA ASP C 157 -5.93 22.93 -23.97
C ASP C 157 -4.64 23.01 -23.18
N VAL C 158 -3.55 22.49 -23.76
CA VAL C 158 -2.22 22.43 -23.07
C VAL C 158 -1.58 23.83 -23.07
N GLY C 159 -1.79 24.59 -21.99
CA GLY C 159 -1.22 25.94 -21.84
C GLY C 159 -0.24 26.04 -20.69
N LEU C 160 -0.22 27.18 -20.00
CA LEU C 160 0.70 27.42 -18.86
C LEU C 160 0.37 26.44 -17.72
N GLN C 161 -0.92 26.24 -17.43
CA GLN C 161 -1.34 25.12 -16.53
C GLN C 161 -0.95 23.80 -17.20
N SER C 162 -0.38 22.86 -16.45
CA SER C 162 0.08 21.59 -17.07
C SER C 162 -0.91 20.46 -16.80
N SER C 163 -1.97 20.72 -16.03
CA SER C 163 -2.88 19.61 -15.64
C SER C 163 -4.35 19.96 -15.90
N CYS C 164 -5.18 18.94 -16.22
CA CYS C 164 -6.64 19.14 -16.40
C CYS C 164 -7.36 18.04 -15.63
N VAL C 165 -8.60 18.30 -15.16
CA VAL C 165 -9.28 17.29 -14.30
C VAL C 165 -10.59 16.79 -14.91
N LEU C 166 -10.63 15.54 -15.37
CA LEU C 166 -11.87 14.94 -15.83
C LEU C 166 -12.54 14.28 -14.64
N CYS C 167 -13.73 14.75 -14.28
CA CYS C 167 -14.47 14.23 -13.14
C CYS C 167 -15.55 13.29 -13.65
N ILE C 168 -15.40 12.00 -13.37
CA ILE C 168 -16.38 11.00 -13.74
C ILE C 168 -17.48 11.01 -12.68
N PRO C 169 -18.71 11.35 -13.04
CA PRO C 169 -19.78 11.47 -12.06
C PRO C 169 -20.49 10.14 -11.80
N TRP C 170 -21.37 10.15 -10.81
CA TRP C 170 -22.14 8.98 -10.44
C TRP C 170 -23.42 8.94 -11.28
N ILE C 171 -23.49 8.00 -12.22
CA ILE C 171 -24.67 7.83 -13.06
C ILE C 171 -25.19 6.40 -12.93
N SER C 172 -25.10 5.83 -11.75
CA SER C 172 -25.61 4.49 -11.53
C SER C 172 -27.12 4.49 -11.42
N GLN C 173 -27.71 3.32 -11.70
CA GLN C 173 -29.13 3.11 -11.48
C GLN C 173 -29.43 2.71 -10.04
N THR C 174 -28.45 2.17 -9.33
CA THR C 174 -28.56 1.84 -7.92
C THR C 174 -27.88 2.94 -7.11
N HIS C 175 -27.72 2.69 -5.81
CA HIS C 175 -26.94 3.60 -4.99
C HIS C 175 -25.48 3.17 -4.91
N TYR C 176 -25.22 1.86 -4.95
CA TYR C 176 -23.83 1.33 -4.82
C TYR C 176 -23.51 0.38 -5.98
N ARG C 177 -22.22 0.19 -6.27
CA ARG C 177 -21.79 -0.74 -7.36
C ARG C 177 -20.82 -1.77 -6.78
N TYR C 178 -20.85 -3.01 -7.30
CA TYR C 178 -19.94 -4.07 -6.81
C TYR C 178 -18.50 -3.82 -7.27
N VAL C 179 -17.52 -3.97 -6.37
CA VAL C 179 -16.09 -3.82 -6.75
C VAL C 179 -15.71 -4.92 -7.75
N THR C 180 -16.20 -6.15 -7.53
CA THR C 180 -15.84 -7.31 -8.41
C THR C 180 -16.52 -7.17 -9.78
N SER C 181 -16.11 -7.98 -10.77
CA SER C 181 -16.67 -7.85 -12.14
C SER C 181 -18.14 -8.27 -12.11
N ASP C 182 -19.04 -7.40 -12.56
CA ASP C 182 -20.50 -7.70 -12.57
C ASP C 182 -21.16 -6.92 -13.72
N GLU C 183 -21.81 -7.64 -14.64
CA GLU C 183 -22.46 -6.98 -15.80
C GLU C 183 -23.62 -6.09 -15.32
N TYR C 184 -24.36 -6.53 -14.29
CA TYR C 184 -25.52 -5.76 -13.81
C TYR C 184 -25.06 -4.39 -13.30
N THR C 185 -23.99 -4.35 -12.52
CA THR C 185 -23.43 -3.04 -12.07
C THR C 185 -22.36 -2.57 -13.07
N ALA C 186 -22.76 -2.26 -14.30
CA ALA C 186 -21.81 -1.78 -15.33
C ALA C 186 -21.41 -0.33 -15.00
N GLY C 187 -20.19 0.07 -15.37
CA GLY C 187 -19.70 1.42 -15.03
C GLY C 187 -19.63 2.35 -16.23
N GLY C 188 -19.07 1.89 -17.36
CA GLY C 188 -18.89 2.73 -18.51
C GLY C 188 -17.47 2.67 -19.03
N PHE C 189 -17.19 3.58 -19.98
CA PHE C 189 -15.86 3.57 -20.63
C PHE C 189 -15.25 4.97 -20.61
N ILE C 190 -13.93 5.05 -20.45
CA ILE C 190 -13.20 6.31 -20.43
C ILE C 190 -12.19 6.28 -21.57
N THR C 191 -12.18 7.34 -22.38
CA THR C 191 -11.36 7.38 -23.58
C THR C 191 -10.77 8.77 -23.77
N CYS C 192 -9.72 8.84 -24.59
CA CYS C 192 -9.05 10.07 -24.95
C CYS C 192 -8.81 10.10 -26.45
N TRP C 193 -8.92 11.28 -27.05
CA TRP C 193 -8.77 11.44 -28.48
C TRP C 193 -8.03 12.74 -28.78
N TYR C 194 -7.32 12.78 -29.91
CA TYR C 194 -6.59 14.00 -30.33
C TYR C 194 -7.61 15.03 -30.83
N GLN C 195 -7.87 16.10 -30.05
CA GLN C 195 -8.85 17.12 -30.51
C GLN C 195 -8.30 17.79 -31.77
N THR C 196 -7.01 18.15 -31.77
CA THR C 196 -6.37 18.76 -32.96
C THR C 196 -5.11 17.99 -33.33
N ASN C 197 -3.96 18.38 -32.78
CA ASN C 197 -2.63 17.75 -33.04
C ASN C 197 -1.59 18.36 -32.09
N ILE C 198 -0.44 17.69 -31.93
CA ILE C 198 0.71 18.17 -31.11
C ILE C 198 1.69 18.85 -32.07
N VAL C 199 1.68 20.18 -32.08
CA VAL C 199 2.49 20.99 -32.99
C VAL C 199 3.75 21.44 -32.26
N VAL C 200 4.90 21.10 -32.80
CA VAL C 200 6.19 21.42 -32.18
C VAL C 200 6.96 22.29 -33.16
N PRO C 201 7.94 23.06 -32.67
CA PRO C 201 8.84 23.76 -33.58
C PRO C 201 10.02 22.88 -33.98
N ALA C 202 10.90 23.39 -34.82
CA ALA C 202 12.09 22.63 -35.17
C ALA C 202 13.01 22.52 -33.97
N ASP C 203 13.85 21.50 -33.98
CA ASP C 203 14.82 21.26 -32.92
C ASP C 203 14.15 21.05 -31.56
N ALA C 204 12.96 20.44 -31.60
CA ALA C 204 12.18 20.09 -30.39
C ALA C 204 11.56 18.70 -30.61
N GLN C 205 11.65 17.82 -29.60
CA GLN C 205 11.11 16.43 -29.72
C GLN C 205 9.60 16.50 -29.95
N SER C 206 9.10 15.66 -30.87
CA SER C 206 7.65 15.63 -31.20
C SER C 206 6.92 14.53 -30.42
N SER C 207 7.66 13.60 -29.82
CA SER C 207 7.05 12.52 -29.05
C SER C 207 7.08 12.87 -27.58
N CYS C 208 5.91 12.91 -26.95
CA CYS C 208 5.76 13.36 -25.58
C CYS C 208 4.97 12.31 -24.79
N TYR C 209 4.91 12.51 -23.48
CA TYR C 209 4.19 11.61 -22.59
C TYR C 209 3.25 12.39 -21.70
N ILE C 210 2.08 11.81 -21.46
CA ILE C 210 1.16 12.28 -20.43
C ILE C 210 1.25 11.34 -19.24
N MET C 211 0.83 11.83 -18.06
CA MET C 211 0.77 10.95 -16.87
C MET C 211 -0.61 11.10 -16.23
N CYS C 212 -1.18 10.01 -15.70
CA CYS C 212 -2.57 10.06 -15.16
C CYS C 212 -2.55 9.82 -13.64
N PHE C 213 -3.30 10.63 -12.89
CA PHE C 213 -3.39 10.48 -11.41
C PHE C 213 -4.85 10.21 -11.03
N VAL C 214 -5.10 9.21 -10.19
CA VAL C 214 -6.51 8.85 -9.83
C VAL C 214 -6.80 9.29 -8.39
N SER C 215 -7.95 9.92 -8.18
CA SER C 215 -8.35 10.35 -6.81
C SER C 215 -9.86 10.17 -6.66
N ALA C 216 -10.34 10.10 -5.41
CA ALA C 216 -11.80 10.02 -5.17
C ALA C 216 -12.32 11.40 -4.75
N CYS C 217 -13.59 11.71 -5.09
CA CYS C 217 -14.21 12.95 -4.71
C CYS C 217 -14.76 12.86 -3.28
N ASN C 218 -15.31 13.97 -2.79
CA ASN C 218 -15.75 14.02 -1.40
C ASN C 218 -17.10 13.35 -1.17
N ASP C 219 -17.64 12.65 -2.16
CA ASP C 219 -18.86 11.88 -1.99
C ASP C 219 -18.64 10.38 -2.20
N PHE C 220 -17.41 9.92 -2.02
CA PHE C 220 -17.06 8.52 -2.19
C PHE C 220 -17.26 7.76 -0.89
N SER C 221 -17.64 6.50 -1.02
CA SER C 221 -17.99 5.67 0.13
C SER C 221 -17.87 4.21 -0.27
N VAL C 222 -17.57 3.36 0.72
CA VAL C 222 -17.39 1.93 0.52
C VAL C 222 -18.16 1.18 1.60
N ARG C 223 -18.48 -0.11 1.35
CA ARG C 223 -19.41 -0.77 2.31
C ARG C 223 -18.88 -2.05 2.98
N LEU C 224 -19.45 -3.21 2.65
CA LEU C 224 -19.09 -4.49 3.35
C LEU C 224 -17.58 -4.78 3.31
N LEU C 225 -16.98 -5.11 4.47
CA LEU C 225 -15.55 -5.49 4.52
C LEU C 225 -15.36 -6.91 3.99
N LYS C 226 -14.22 -7.17 3.32
CA LYS C 226 -13.92 -8.55 2.82
C LYS C 226 -12.39 -8.72 2.86
N ASP C 227 -11.90 -9.92 2.56
CA ASP C 227 -10.42 -10.11 2.50
C ASP C 227 -9.90 -9.80 1.10
N THR C 228 -8.69 -9.23 1.04
CA THR C 228 -8.05 -8.87 -0.25
C THR C 228 -7.72 -10.14 -1.05
N PRO C 229 -7.94 -10.19 -2.39
CA PRO C 229 -7.58 -11.37 -3.17
C PRO C 229 -6.08 -11.39 -3.53
N PHE C 230 -5.35 -10.32 -3.19
CA PHE C 230 -3.92 -10.21 -3.60
C PHE C 230 -3.00 -11.01 -2.69
N ILE C 231 -2.94 -10.68 -1.40
CA ILE C 231 -1.96 -11.35 -0.49
C ILE C 231 -2.29 -12.85 -0.39
N SER C 232 -1.26 -13.70 -0.36
CA SER C 232 -1.46 -15.16 -0.27
C SER C 232 -0.34 -15.78 0.57
N GLN C 233 -0.51 -17.03 1.02
CA GLN C 233 0.51 -17.66 1.90
C GLN C 233 0.31 -19.18 1.93
N GLN C 234 1.39 -19.95 1.81
CA GLN C 234 1.35 -21.40 1.83
C GLN C 234 1.85 -22.01 3.12
N ASN C 235 2.83 -21.39 3.79
CA ASN C 235 3.29 -21.80 5.10
C ASN C 235 3.46 -20.54 5.93
N PHE C 236 3.63 -20.72 7.24
CA PHE C 236 3.84 -19.57 8.16
C PHE C 236 5.24 -18.99 7.91
N PHE C 237 5.31 -17.68 7.68
CA PHE C 237 6.61 -17.00 7.42
C PHE C 237 7.42 -17.02 8.71
N GLN C 238 8.58 -17.68 8.70
CA GLN C 238 9.44 -17.77 9.91
C GLN C 238 10.77 -17.07 9.63
N GLY D 1 -24.20 3.69 37.13
CA GLY D 1 -23.58 4.54 36.15
C GLY D 1 -23.65 3.99 34.73
N ALA D 2 -24.85 3.83 34.22
CA ALA D 2 -25.07 3.30 32.89
C ALA D 2 -25.03 4.41 31.85
N GLN D 3 -24.53 4.07 30.66
CA GLN D 3 -24.45 5.00 29.54
C GLN D 3 -25.47 4.60 28.49
N VAL D 4 -26.36 5.52 28.14
CA VAL D 4 -27.33 5.33 27.08
C VAL D 4 -26.83 6.06 25.84
N SER D 5 -26.74 5.34 24.72
CA SER D 5 -26.25 5.91 23.48
C SER D 5 -27.18 5.51 22.34
N THR D 6 -26.93 6.05 21.16
CA THR D 6 -27.76 5.77 19.99
C THR D 6 -27.17 4.63 19.17
N GLN D 7 -28.04 3.77 18.67
CA GLN D 7 -27.63 2.65 17.84
C GLN D 7 -27.31 3.13 16.43
N LYS D 8 -26.95 2.18 15.57
CA LYS D 8 -26.67 2.46 14.14
C LYS D 8 -27.97 2.21 13.38
N THR D 9 -28.59 3.27 12.85
CA THR D 9 -29.89 3.12 12.17
C THR D 9 -29.78 3.70 10.75
N GLY D 10 -30.65 3.24 9.84
CA GLY D 10 -30.67 3.75 8.46
C GLY D 10 -31.36 5.10 8.39
N ALA D 11 -31.14 5.84 7.31
CA ALA D 11 -31.73 7.15 7.14
C ALA D 11 -32.90 7.07 6.16
N HIS D 12 -33.61 8.20 6.05
CA HIS D 12 -34.73 8.33 5.13
C HIS D 12 -35.81 7.27 5.38
N ILE D 24 -33.28 5.35 18.27
CA ILE D 24 -33.15 4.03 18.97
C ILE D 24 -31.87 4.05 19.79
N HIS D 25 -31.94 3.56 21.03
CA HIS D 25 -30.87 3.77 22.05
C HIS D 25 -30.48 2.43 22.66
N TYR D 26 -29.22 2.31 23.12
CA TYR D 26 -28.75 1.09 23.80
C TYR D 26 -28.13 1.48 25.14
N THR D 27 -27.98 0.51 26.05
CA THR D 27 -27.43 0.76 27.37
C THR D 27 -26.15 -0.01 27.57
N ASN D 28 -25.19 0.59 28.27
CA ASN D 28 -23.87 0.00 28.43
C ASN D 28 -23.35 0.27 29.84
N ILE D 29 -22.80 -0.77 30.46
CA ILE D 29 -22.17 -0.68 31.78
C ILE D 29 -20.79 -1.31 31.69
N ASN D 30 -19.81 -0.72 32.36
CA ASN D 30 -18.46 -1.25 32.43
C ASN D 30 -18.32 -2.05 33.72
N TYR D 31 -17.79 -3.27 33.62
CA TYR D 31 -17.68 -4.17 34.75
C TYR D 31 -16.27 -4.32 35.28
N TYR D 32 -15.26 -3.87 34.54
CA TYR D 32 -13.87 -4.05 34.91
C TYR D 32 -13.22 -2.71 35.17
N LYS D 33 -12.12 -2.73 35.93
CA LYS D 33 -11.49 -1.53 36.45
C LYS D 33 -10.21 -1.15 35.72
N ASP D 34 -10.11 -1.44 34.42
CA ASP D 34 -8.85 -1.27 33.71
C ASP D 34 -8.91 -0.33 32.52
N ALA D 35 -10.07 -0.18 31.88
CA ALA D 35 -10.30 0.74 30.77
C ALA D 35 -9.60 0.27 29.50
N ALA D 36 -8.75 -0.75 29.62
CA ALA D 36 -8.20 -1.45 28.48
C ALA D 36 -8.95 -2.75 28.24
N SER D 37 -10.14 -2.86 28.81
CA SER D 37 -10.95 -4.07 28.75
C SER D 37 -12.36 -3.77 28.30
N ASN D 38 -12.63 -2.51 27.93
CA ASN D 38 -14.00 -2.11 27.53
C ASN D 38 -14.21 -2.42 26.05
N SER D 39 -15.46 -2.36 25.57
CA SER D 39 -15.77 -2.67 24.15
C SER D 39 -15.11 -1.63 23.24
N ALA D 40 -14.68 -2.04 22.04
CA ALA D 40 -14.01 -1.11 21.10
C ALA D 40 -14.99 -0.03 20.66
N ASN D 41 -14.50 1.18 20.40
CA ASN D 41 -15.40 2.31 20.04
C ASN D 41 -15.67 2.24 18.54
N ARG D 42 -16.90 1.90 18.15
CA ARG D 42 -17.23 1.73 16.71
C ARG D 42 -17.88 3.02 16.17
N GLN D 43 -17.94 4.07 16.99
CA GLN D 43 -18.65 5.31 16.55
C GLN D 43 -17.73 6.53 16.70
N ASP D 44 -16.73 6.65 15.83
CA ASP D 44 -15.84 7.86 15.85
C ASP D 44 -15.75 8.37 14.41
N PHE D 45 -16.85 8.95 13.90
CA PHE D 45 -16.88 9.39 12.48
C PHE D 45 -16.32 10.81 12.38
N THR D 46 -15.00 10.93 12.21
CA THR D 46 -14.36 12.24 12.15
C THR D 46 -13.30 12.19 11.05
N GLN D 47 -13.33 13.19 10.16
CA GLN D 47 -12.43 13.20 9.02
C GLN D 47 -11.71 14.54 8.94
N ASP D 48 -10.49 14.50 8.41
CA ASP D 48 -9.67 15.72 8.22
C ASP D 48 -8.61 15.40 7.16
N PRO D 49 -8.88 15.60 5.85
CA PRO D 49 -7.94 15.23 4.79
C PRO D 49 -6.93 16.36 4.51
N GLY D 50 -7.00 17.48 5.23
CA GLY D 50 -6.11 18.62 5.00
C GLY D 50 -4.65 18.26 5.20
N LYS D 51 -4.36 17.35 6.15
CA LYS D 51 -2.97 16.95 6.44
C LYS D 51 -2.34 16.29 5.20
N PHE D 52 -3.07 15.42 4.50
CA PHE D 52 -2.48 14.68 3.36
C PHE D 52 -2.83 15.34 2.03
N THR D 53 -4.11 15.58 1.76
CA THR D 53 -4.52 16.29 0.52
C THR D 53 -4.30 17.79 0.76
N GLU D 54 -4.08 18.58 -0.30
CA GLU D 54 -3.92 20.06 -0.17
C GLU D 54 -2.91 20.43 0.93
N PRO D 55 -1.66 19.90 0.94
CA PRO D 55 -0.70 20.16 2.02
C PRO D 55 0.16 21.40 1.71
N VAL D 56 -0.16 22.13 0.63
CA VAL D 56 0.66 23.29 0.20
C VAL D 56 0.67 24.39 1.27
N LYS D 57 1.81 25.08 1.43
CA LYS D 57 1.93 26.19 2.41
C LYS D 57 0.97 27.32 2.04
N ASP D 58 0.86 27.62 0.74
CA ASP D 58 0.00 28.75 0.28
C ASP D 58 -1.35 28.17 -0.17
N ILE D 59 -2.46 28.75 0.30
CA ILE D 59 -3.81 28.21 -0.04
C ILE D 59 -4.02 28.31 -1.56
N MET D 60 -4.59 27.28 -2.17
CA MET D 60 -4.82 27.29 -3.64
C MET D 60 -6.32 27.29 -3.93
N ILE D 61 -6.91 28.48 -4.12
CA ILE D 61 -8.32 28.59 -4.44
C ILE D 61 -8.60 27.86 -5.74
N LYS D 62 -9.77 27.21 -5.81
CA LYS D 62 -10.04 26.28 -6.90
C LYS D 62 -10.18 27.01 -8.23
N SER D 63 -11.05 28.01 -8.29
CA SER D 63 -11.33 28.69 -9.55
C SER D 63 -10.15 29.49 -10.08
N LEU D 64 -9.15 29.77 -9.25
CA LEU D 64 -8.04 30.61 -9.66
C LEU D 64 -6.97 29.79 -10.35
N PRO D 65 -6.14 30.44 -11.17
CA PRO D 65 -5.01 29.72 -11.79
C PRO D 65 -3.98 29.33 -10.76
N ALA D 66 -3.53 28.07 -10.83
CA ALA D 66 -2.59 27.56 -9.85
C ALA D 66 -1.27 28.31 -9.90
N LEU D 67 -0.81 28.68 -11.09
CA LEU D 67 0.41 29.43 -11.29
C LEU D 67 0.09 30.80 -11.85
N ASN D 68 0.48 31.84 -11.13
CA ASN D 68 0.20 33.21 -11.55
C ASN D 68 1.41 34.10 -11.28
N CYS E 1 14.78 -29.18 1.78
CA CYS E 1 13.51 -28.80 1.16
C CYS E 1 12.83 -30.01 0.52
N GLU E 2 11.50 -30.00 0.52
CA GLU E 2 10.68 -31.09 -0.07
C GLU E 2 10.43 -30.80 -1.55
N VAL E 3 9.63 -31.64 -2.21
CA VAL E 3 9.28 -31.45 -3.64
C VAL E 3 8.63 -30.06 -3.78
N PRO E 4 9.00 -29.21 -4.77
CA PRO E 4 8.37 -27.90 -4.97
C PRO E 4 6.83 -27.90 -5.00
N THR E 5 6.23 -26.77 -4.62
CA THR E 5 4.78 -26.63 -4.57
C THR E 5 4.16 -26.89 -5.94
N ARG E 6 3.01 -27.58 -5.94
CA ARG E 6 2.27 -27.79 -7.17
C ARG E 6 1.31 -26.65 -7.42
N LEU E 7 1.25 -26.20 -8.69
CA LEU E 7 0.36 -25.08 -9.10
C LEU E 7 -0.66 -25.59 -10.11
N ASN E 8 -1.77 -24.86 -10.29
CA ASN E 8 -2.85 -25.27 -11.23
C ASN E 8 -2.60 -24.68 -12.62
N SER E 9 -1.57 -23.85 -12.78
CA SER E 9 -1.30 -23.22 -14.09
C SER E 9 0.12 -23.52 -14.58
N ALA E 10 1.06 -23.76 -13.66
CA ALA E 10 2.48 -23.95 -14.06
C ALA E 10 3.02 -25.31 -13.61
N SER E 11 4.06 -25.81 -14.28
CA SER E 11 4.68 -27.10 -13.92
C SER E 11 6.20 -26.94 -13.91
N LEU E 12 6.92 -27.76 -13.15
CA LEU E 12 8.40 -27.59 -13.05
C LEU E 12 9.05 -27.83 -14.42
N LYS E 13 10.16 -27.13 -14.69
CA LYS E 13 10.90 -27.33 -15.97
C LYS E 13 11.60 -28.70 -15.96
N GLN E 14 12.26 -29.08 -17.07
CA GLN E 14 12.83 -30.44 -17.18
C GLN E 14 13.90 -30.77 -16.14
N PRO E 15 14.91 -29.92 -15.81
CA PRO E 15 15.92 -30.33 -14.82
C PRO E 15 15.28 -30.54 -13.45
N TYR E 16 14.36 -29.66 -13.05
CA TYR E 16 13.77 -29.69 -11.69
C TYR E 16 12.90 -30.93 -11.44
N ILE E 17 12.12 -31.40 -12.43
CA ILE E 17 11.20 -32.54 -12.16
C ILE E 17 12.01 -33.78 -11.77
N THR E 18 13.10 -34.05 -12.47
CA THR E 18 13.97 -35.22 -12.17
C THR E 18 14.66 -35.04 -10.81
N GLN E 19 15.10 -33.83 -10.46
CA GLN E 19 15.89 -33.61 -9.22
C GLN E 19 15.05 -33.98 -7.99
N ASN E 20 15.67 -34.67 -7.02
CA ASN E 20 14.95 -35.05 -5.77
C ASN E 20 15.63 -34.42 -4.54
N TYR E 21 16.74 -33.72 -4.73
CA TYR E 21 17.47 -33.12 -3.58
C TYR E 21 17.53 -31.59 -3.75
N PHE E 22 17.10 -30.85 -2.73
CA PHE E 22 17.05 -29.37 -2.81
C PHE E 22 17.76 -28.75 -1.59
N PRO E 23 19.07 -28.36 -1.65
CA PRO E 23 19.71 -27.71 -0.50
C PRO E 23 19.17 -26.32 -0.24
N VAL E 24 19.61 -25.68 0.85
CA VAL E 24 19.16 -24.32 1.15
C VAL E 24 19.76 -23.36 0.14
N GLY E 25 18.93 -22.46 -0.38
CA GLY E 25 19.37 -21.51 -1.39
C GLY E 25 19.24 -21.98 -2.81
N THR E 26 18.36 -22.95 -3.09
CA THR E 26 18.20 -23.52 -4.41
C THR E 26 17.00 -22.88 -5.10
N VAL E 27 17.15 -22.55 -6.37
CA VAL E 27 16.12 -21.90 -7.15
C VAL E 27 15.61 -22.89 -8.18
N VAL E 28 14.29 -23.13 -8.18
CA VAL E 28 13.64 -23.94 -9.20
C VAL E 28 12.75 -23.03 -10.04
N GLU E 29 12.46 -23.48 -11.26
CA GLU E 29 11.77 -22.66 -12.25
C GLU E 29 10.61 -23.42 -12.85
N TYR E 30 9.49 -22.71 -13.07
CA TYR E 30 8.28 -23.29 -13.60
C TYR E 30 8.07 -22.86 -15.05
N GLU E 31 7.10 -23.51 -15.70
CA GLU E 31 6.74 -23.21 -17.08
C GLU E 31 5.24 -23.39 -17.24
N CYS E 32 4.67 -22.64 -18.17
CA CYS E 32 3.23 -22.72 -18.40
C CYS E 32 2.84 -24.09 -18.94
N ARG E 33 1.73 -24.60 -18.39
CA ARG E 33 1.20 -25.91 -18.83
C ARG E 33 0.36 -25.67 -20.10
N PRO E 34 -0.04 -26.67 -20.91
CA PRO E 34 -0.78 -26.39 -22.15
C PRO E 34 -2.10 -25.63 -21.92
N GLY E 35 -2.38 -24.65 -22.77
CA GLY E 35 -3.63 -23.87 -22.67
C GLY E 35 -3.50 -22.68 -21.73
N TYR E 36 -2.29 -22.37 -21.27
CA TYR E 36 -2.09 -21.25 -20.31
C TYR E 36 -1.02 -20.27 -20.81
N ARG E 37 -1.39 -19.00 -20.99
CA ARG E 37 -0.40 -17.96 -21.38
C ARG E 37 0.34 -17.50 -20.12
N ARG E 38 1.49 -16.86 -20.26
CA ARG E 38 2.30 -16.47 -19.07
C ARG E 38 2.05 -15.00 -18.74
N GLU E 39 1.81 -14.70 -17.45
CA GLU E 39 1.65 -13.28 -17.03
C GLU E 39 3.05 -12.67 -16.93
N PRO E 40 3.35 -11.59 -17.68
CA PRO E 40 4.70 -10.99 -17.68
C PRO E 40 5.12 -10.45 -16.32
N SER E 41 4.18 -9.90 -15.54
CA SER E 41 4.52 -9.27 -14.24
C SER E 41 5.15 -10.28 -13.26
N LEU E 42 4.67 -11.52 -13.22
CA LEU E 42 5.17 -12.49 -12.20
C LEU E 42 6.35 -13.30 -12.72
N SER E 43 7.34 -13.60 -11.87
CA SER E 43 8.50 -14.38 -12.22
C SER E 43 8.35 -15.80 -11.71
N PRO E 44 8.52 -16.81 -12.56
CA PRO E 44 8.27 -18.20 -12.15
C PRO E 44 9.51 -18.89 -11.55
N LYS E 45 9.88 -18.41 -10.35
CA LYS E 45 11.07 -18.96 -9.65
C LYS E 45 10.76 -19.13 -8.17
N LEU E 46 11.27 -20.19 -7.54
CA LEU E 46 11.06 -20.45 -6.12
C LEU E 46 12.39 -20.79 -5.48
N THR E 47 12.72 -20.09 -4.40
CA THR E 47 13.93 -20.35 -3.62
C THR E 47 13.59 -21.21 -2.41
N CYS E 48 14.59 -21.96 -1.93
CA CYS E 48 14.43 -22.82 -0.73
C CYS E 48 14.89 -22.00 0.49
N LEU E 49 14.01 -21.77 1.45
CA LEU E 49 14.32 -20.94 2.65
C LEU E 49 15.12 -21.74 3.69
N GLN E 50 15.55 -21.07 4.76
CA GLN E 50 16.36 -21.70 5.79
C GLN E 50 15.55 -22.69 6.63
N ASN E 51 14.25 -22.46 6.76
CA ASN E 51 13.39 -23.40 7.47
C ASN E 51 13.01 -24.60 6.61
N LEU E 52 13.69 -24.80 5.50
CA LEU E 52 13.43 -25.90 4.57
C LEU E 52 12.02 -25.82 4.01
N LYS E 53 11.59 -24.61 3.71
CA LYS E 53 10.31 -24.35 3.05
C LYS E 53 10.56 -23.50 1.81
N TRP E 54 9.72 -23.67 0.80
CA TRP E 54 9.89 -22.85 -0.43
C TRP E 54 9.29 -21.47 -0.22
N SER E 55 9.64 -20.51 -1.07
CA SER E 55 9.11 -19.12 -1.00
C SER E 55 7.66 -19.09 -1.51
N THR E 56 6.90 -18.05 -1.16
CA THR E 56 5.47 -17.98 -1.54
C THR E 56 5.34 -18.14 -3.06
N ALA E 57 4.44 -19.03 -3.49
CA ALA E 57 4.23 -19.24 -4.93
C ALA E 57 2.85 -18.68 -5.32
N VAL E 58 2.79 -17.93 -6.42
CA VAL E 58 1.50 -17.38 -6.92
C VAL E 58 1.35 -17.91 -8.33
N GLU E 59 0.12 -18.00 -8.86
CA GLU E 59 -0.01 -18.63 -10.20
C GLU E 59 0.79 -17.77 -11.19
N PHE E 60 1.68 -18.38 -11.96
CA PHE E 60 2.56 -17.61 -12.87
C PHE E 60 1.98 -17.59 -14.29
N CYS E 61 0.87 -18.29 -14.52
CA CYS E 61 0.26 -18.37 -15.87
C CYS E 61 -1.25 -18.13 -15.76
N LYS E 62 -1.87 -17.64 -16.83
CA LYS E 62 -3.34 -17.38 -16.84
C LYS E 62 -3.96 -18.15 -18.01
N LYS E 63 -5.26 -18.44 -17.96
CA LYS E 63 -5.91 -19.24 -19.04
C LYS E 63 -5.90 -18.48 -20.37
N LYS E 64 -5.82 -19.20 -21.48
CA LYS E 64 -5.85 -18.61 -22.80
C LYS E 64 -7.30 -18.36 -23.23
N SER E 65 -7.43 -17.45 -24.20
CA SER E 65 -8.76 -17.06 -24.69
C SER E 65 -8.99 -17.57 -26.11
N CYS E 66 -10.03 -18.37 -26.29
CA CYS E 66 -10.43 -18.80 -27.62
C CYS E 66 -10.98 -17.61 -28.40
N PRO E 67 -10.84 -17.60 -29.74
CA PRO E 67 -11.28 -16.46 -30.55
C PRO E 67 -12.79 -16.23 -30.39
N ASN E 68 -13.23 -15.03 -30.76
CA ASN E 68 -14.64 -14.67 -30.69
C ASN E 68 -15.47 -15.70 -31.45
N PRO E 69 -16.50 -16.27 -30.82
CA PRO E 69 -17.33 -17.27 -31.52
C PRO E 69 -17.97 -16.77 -32.80
N GLY E 70 -18.00 -15.47 -33.03
CA GLY E 70 -18.62 -14.93 -34.22
C GLY E 70 -20.12 -14.79 -34.07
N GLU E 71 -20.76 -14.40 -35.18
CA GLU E 71 -22.20 -14.21 -35.22
C GLU E 71 -22.81 -15.23 -36.17
N ILE E 72 -23.66 -16.10 -35.64
CA ILE E 72 -24.36 -17.07 -36.46
C ILE E 72 -25.56 -16.40 -37.14
N ARG E 73 -25.93 -16.93 -38.30
CA ARG E 73 -27.04 -16.41 -39.07
C ARG E 73 -28.33 -17.11 -38.66
N ASN E 74 -29.37 -16.31 -38.42
CA ASN E 74 -30.70 -16.83 -38.11
C ASN E 74 -30.67 -17.70 -36.86
N GLY E 75 -29.95 -17.24 -35.84
CA GLY E 75 -29.88 -17.97 -34.58
C GLY E 75 -29.06 -17.19 -33.57
N GLN E 76 -28.90 -17.79 -32.38
CA GLN E 76 -28.13 -17.13 -31.28
C GLN E 76 -27.12 -18.11 -30.65
N ILE E 77 -26.14 -17.58 -29.91
CA ILE E 77 -25.10 -18.41 -29.22
C ILE E 77 -25.08 -18.00 -27.74
N ASP E 78 -25.30 -18.95 -26.82
CA ASP E 78 -25.42 -18.60 -25.37
C ASP E 78 -24.13 -18.03 -24.77
N VAL E 79 -22.97 -18.62 -25.05
CA VAL E 79 -21.68 -18.18 -24.42
C VAL E 79 -21.83 -18.09 -22.88
N PRO E 80 -22.32 -19.13 -22.17
CA PRO E 80 -22.57 -19.04 -20.72
C PRO E 80 -21.36 -18.83 -19.78
N GLY E 81 -20.24 -19.53 -20.03
CA GLY E 81 -19.09 -19.47 -19.11
C GLY E 81 -17.96 -18.56 -19.58
N GLY E 82 -18.17 -17.77 -20.63
CA GLY E 82 -17.07 -16.95 -21.18
C GLY E 82 -16.33 -17.69 -22.27
N ILE E 83 -15.18 -17.16 -22.71
CA ILE E 83 -14.45 -17.77 -23.87
C ILE E 83 -13.04 -18.20 -23.47
N LEU E 84 -12.83 -18.63 -22.22
CA LEU E 84 -11.51 -19.05 -21.81
C LEU E 84 -11.31 -20.55 -22.06
N PHE E 85 -10.06 -20.99 -21.95
CA PHE E 85 -9.70 -22.37 -22.24
C PHE E 85 -10.53 -23.35 -21.43
N GLY E 86 -11.36 -24.14 -22.11
CA GLY E 86 -12.25 -25.07 -21.46
C GLY E 86 -13.70 -24.63 -21.38
N ALA E 87 -14.12 -23.67 -22.19
CA ALA E 87 -15.48 -23.17 -22.15
C ALA E 87 -16.40 -24.08 -22.96
N THR E 88 -17.68 -23.70 -23.03
CA THR E 88 -18.66 -24.46 -23.80
C THR E 88 -19.79 -23.52 -24.17
N ILE E 89 -19.87 -23.15 -25.45
CA ILE E 89 -20.93 -22.29 -25.95
C ILE E 89 -21.97 -23.15 -26.66
N SER E 90 -23.22 -22.72 -26.58
CA SER E 90 -24.34 -23.46 -27.15
C SER E 90 -24.97 -22.67 -28.29
N PHE E 91 -25.56 -23.37 -29.25
CA PHE E 91 -26.19 -22.75 -30.40
C PHE E 91 -27.69 -23.07 -30.44
N SER E 92 -28.45 -22.15 -31.03
CA SER E 92 -29.92 -22.33 -31.17
C SER E 92 -30.44 -21.57 -32.40
N CYS E 93 -31.67 -21.86 -32.82
CA CYS E 93 -32.30 -21.20 -33.99
C CYS E 93 -33.67 -20.64 -33.58
N ASN E 94 -34.22 -19.70 -34.36
CA ASN E 94 -35.54 -19.07 -34.06
C ASN E 94 -36.68 -19.99 -34.51
N THR E 95 -37.92 -19.61 -34.17
CA THR E 95 -39.06 -20.45 -34.51
C THR E 95 -39.20 -20.55 -36.03
N GLY E 96 -39.06 -21.75 -36.56
CA GLY E 96 -39.20 -21.99 -37.98
C GLY E 96 -37.92 -22.34 -38.71
N TYR E 97 -36.80 -22.46 -38.00
CA TYR E 97 -35.51 -22.77 -38.61
C TYR E 97 -34.88 -23.94 -37.88
N LYS E 98 -34.47 -24.96 -38.63
CA LYS E 98 -33.97 -26.19 -38.06
C LYS E 98 -32.45 -26.18 -38.04
N LEU E 99 -31.92 -26.47 -36.84
CA LEU E 99 -30.46 -26.53 -36.59
C LEU E 99 -29.87 -27.75 -37.30
N PHE E 100 -28.85 -27.53 -38.12
CA PHE E 100 -28.13 -28.64 -38.72
C PHE E 100 -26.65 -28.51 -38.41
N GLY E 101 -26.11 -29.50 -37.70
CA GLY E 101 -24.72 -29.50 -37.28
C GLY E 101 -24.58 -29.89 -35.83
N SER E 102 -23.54 -29.37 -35.19
CA SER E 102 -23.32 -29.61 -33.77
C SER E 102 -24.12 -28.62 -32.95
N THR E 103 -24.38 -29.00 -31.69
CA THR E 103 -25.16 -28.18 -30.79
C THR E 103 -24.29 -27.31 -29.88
N SER E 104 -23.08 -27.75 -29.56
CA SER E 104 -22.19 -27.05 -28.65
C SER E 104 -20.83 -26.87 -29.31
N SER E 105 -19.94 -26.16 -28.62
CA SER E 105 -18.56 -25.96 -29.13
C SER E 105 -17.62 -25.72 -27.95
N PHE E 106 -16.89 -26.76 -27.52
CA PHE E 106 -15.92 -26.62 -26.41
C PHE E 106 -14.68 -25.87 -26.88
N CYS E 107 -14.09 -25.05 -26.01
CA CYS E 107 -12.81 -24.36 -26.37
C CYS E 107 -11.67 -25.31 -25.99
N LEU E 108 -11.01 -25.89 -26.98
CA LEU E 108 -9.97 -26.92 -26.67
C LEU E 108 -8.63 -26.44 -27.23
N ILE E 109 -7.56 -27.21 -27.03
CA ILE E 109 -6.23 -26.78 -27.46
C ILE E 109 -5.89 -27.51 -28.75
N SER E 110 -5.79 -26.75 -29.85
CA SER E 110 -5.53 -27.29 -31.18
C SER E 110 -4.19 -26.75 -31.67
N GLY E 111 -3.15 -27.53 -31.44
CA GLY E 111 -1.80 -27.16 -31.89
C GLY E 111 -1.05 -26.36 -30.82
N SER E 112 -0.76 -25.10 -31.13
CA SER E 112 -0.07 -24.22 -30.21
C SER E 112 -0.99 -23.23 -29.50
N SER E 113 -2.26 -23.17 -29.89
CA SER E 113 -3.21 -22.25 -29.30
C SER E 113 -4.51 -22.99 -29.01
N VAL E 114 -5.50 -22.23 -28.58
CA VAL E 114 -6.82 -22.78 -28.26
C VAL E 114 -7.78 -22.43 -29.39
N GLN E 115 -8.59 -23.40 -29.80
CA GLN E 115 -9.57 -23.23 -30.87
C GLN E 115 -10.87 -23.91 -30.46
N TRP E 116 -11.94 -23.55 -31.18
CA TRP E 116 -13.26 -24.23 -30.99
C TRP E 116 -13.32 -25.36 -32.02
N SER E 117 -13.19 -26.61 -31.60
CA SER E 117 -13.14 -27.79 -32.52
C SER E 117 -14.44 -27.91 -33.32
N ASP E 118 -15.59 -27.73 -32.68
CA ASP E 118 -16.89 -27.85 -33.40
C ASP E 118 -17.04 -26.70 -34.39
N PRO E 119 -17.64 -26.92 -35.58
CA PRO E 119 -17.87 -25.86 -36.57
C PRO E 119 -19.20 -25.16 -36.28
N LEU E 120 -19.55 -24.12 -37.05
CA LEU E 120 -20.83 -23.47 -36.77
C LEU E 120 -21.96 -24.18 -37.53
N PRO E 121 -23.08 -24.47 -36.86
CA PRO E 121 -24.23 -25.04 -37.58
C PRO E 121 -24.93 -24.00 -38.43
N GLU E 122 -25.73 -24.46 -39.38
CA GLU E 122 -26.45 -23.60 -40.30
C GLU E 122 -27.95 -23.75 -40.09
N CYS E 123 -28.62 -22.64 -39.80
CA CYS E 123 -30.07 -22.61 -39.63
C CYS E 123 -30.58 -21.18 -39.62
C1 PLM F . 3.44 -4.44 16.98
O1 PLM F . 4.62 -4.31 17.37
O2 PLM F . 2.88 -3.65 16.19
C2 PLM F . 2.65 -5.62 17.50
C3 PLM F . 2.50 -5.67 18.98
C4 PLM F . 1.87 -6.96 19.45
C5 PLM F . 1.70 -7.05 20.95
C6 PLM F . 1.39 -8.44 21.45
C7 PLM F . 1.22 -8.55 22.93
C8 PLM F . 1.16 -9.97 23.42
C9 PLM F . 0.74 -10.15 24.85
CA PLM F . 0.64 -11.60 25.26
CB PLM F . -0.11 -11.85 26.54
CC PLM F . -0.32 -13.31 26.83
CD PLM F . -1.20 -13.60 28.03
CE PLM F . -1.48 -15.07 28.23
CF PLM F . -2.42 -15.38 29.36
CG PLM F . -2.72 -16.85 29.47
#